data_5FX0
# 
_entry.id   5FX0 
# 
_audit_conform.dict_name       mmcif_pdbx.dic 
_audit_conform.dict_version    5.383 
_audit_conform.dict_location   http://mmcif.pdb.org/dictionaries/ascii/mmcif_pdbx.dic 
# 
loop_
_database_2.database_id 
_database_2.database_code 
_database_2.pdbx_database_accession 
_database_2.pdbx_DOI 
PDB   5FX0         pdb_00005fx0 10.2210/pdb5fx0/pdb 
PDBE  EBI-66118    ?            ?                   
WWPDB D_1290066118 ?            ?                   
# 
loop_
_pdbx_audit_revision_history.ordinal 
_pdbx_audit_revision_history.data_content_type 
_pdbx_audit_revision_history.major_revision 
_pdbx_audit_revision_history.minor_revision 
_pdbx_audit_revision_history.revision_date 
1 'Structure model' 1 0 2016-04-27 
2 'Structure model' 1 1 2016-07-06 
3 'Structure model' 1 2 2018-01-24 
4 'Structure model' 1 3 2024-01-10 
# 
_pdbx_audit_revision_details.ordinal             1 
_pdbx_audit_revision_details.revision_ordinal    1 
_pdbx_audit_revision_details.data_content_type   'Structure model' 
_pdbx_audit_revision_details.provider            repository 
_pdbx_audit_revision_details.type                'Initial release' 
_pdbx_audit_revision_details.description         ? 
_pdbx_audit_revision_details.details             ? 
# 
loop_
_pdbx_audit_revision_group.ordinal 
_pdbx_audit_revision_group.revision_ordinal 
_pdbx_audit_revision_group.data_content_type 
_pdbx_audit_revision_group.group 
1 2 'Structure model' 'Database references'    
2 3 'Structure model' 'Database references'    
3 4 'Structure model' 'Data collection'        
4 4 'Structure model' 'Database references'    
5 4 'Structure model' Other                    
6 4 'Structure model' 'Refinement description' 
# 
loop_
_pdbx_audit_revision_category.ordinal 
_pdbx_audit_revision_category.revision_ordinal 
_pdbx_audit_revision_category.data_content_type 
_pdbx_audit_revision_category.category 
1 3 'Structure model' citation                      
2 3 'Structure model' citation_author               
3 4 'Structure model' chem_comp_atom                
4 4 'Structure model' chem_comp_bond                
5 4 'Structure model' database_2                    
6 4 'Structure model' pdbx_database_status          
7 4 'Structure model' pdbx_initial_refinement_model 
# 
loop_
_pdbx_audit_revision_item.ordinal 
_pdbx_audit_revision_item.revision_ordinal 
_pdbx_audit_revision_item.data_content_type 
_pdbx_audit_revision_item.item 
1 3 'Structure model' '_citation.journal_abbrev'             
2 3 'Structure model' '_citation.journal_id_ISSN'            
3 3 'Structure model' '_citation.page_last'                  
4 3 'Structure model' '_citation.pdbx_database_id_DOI'       
5 3 'Structure model' '_citation.title'                      
6 3 'Structure model' '_citation_author.name'                
7 4 'Structure model' '_database_2.pdbx_DOI'                 
8 4 'Structure model' '_database_2.pdbx_database_accession'  
9 4 'Structure model' '_pdbx_database_status.status_code_sf' 
# 
_pdbx_database_status.status_code                     REL 
_pdbx_database_status.entry_id                        5FX0 
_pdbx_database_status.deposit_site                    PDBE 
_pdbx_database_status.process_site                    PDBE 
_pdbx_database_status.SG_entry                        . 
_pdbx_database_status.recvd_initial_deposition_date   2016-02-22 
_pdbx_database_status.pdb_format_compatible           Y 
_pdbx_database_status.status_code_sf                  REL 
_pdbx_database_status.status_code_mr                  ? 
_pdbx_database_status.status_code_cs                  ? 
_pdbx_database_status.methods_development_category    ? 
_pdbx_database_status.status_code_nmr_data            ? 
# 
_pdbx_database_related.db_name        PDB 
_pdbx_database_related.db_id          5FWZ 
_pdbx_database_related.content_type   unspecified 
_pdbx_database_related.details        
'FASCIOLA HEPATICA CALCIUM BINDING PROTEIN FHCABP2: STRUCTURE OF THE DYNEIN LIGHT CHAIN-LIKE DOMAIN. P41212 MERCURY DERIVATIVE.' 
# 
loop_
_audit_author.name 
_audit_author.pdbx_ordinal 
'Nguyen, T.H.'    1 
'Thomas, C.M.'    2 
'Timson, D.J.'    3 
'van Raaij, M.J.' 4 
# 
loop_
_citation.id 
_citation.title 
_citation.journal_abbrev 
_citation.journal_volume 
_citation.page_first 
_citation.page_last 
_citation.year 
_citation.journal_id_ASTM 
_citation.country 
_citation.journal_id_ISSN 
_citation.journal_id_CSD 
_citation.book_publisher 
_citation.pdbx_database_id_PubMed 
_citation.pdbx_database_id_DOI 
primary 'Fasciola hepatica calcium-binding protein FhCaBP2: structure of the dynein light chain-like domain.' 'Parasitol. Res.' 
115 2879 2886 2016 ? ?  1432-1955 ? ? 27083189 10.1007/s00436-016-5046-x 
1       'Fhcabp2: A Fasciola Hepatica Calcium-Binding Protein with EF-Hand and Dynein Light Chain Domains.'   Parasitology      
142 1375 ?    2015 ? UK 0031-1820 ? ? 26152524 10.1017/S0031182015000736 
# 
loop_
_citation_author.citation_id 
_citation_author.name 
_citation_author.ordinal 
_citation_author.identifier_ORCID 
primary 'Nguyen, T.H.'    1 ? 
primary 'Thomas, C.M.'    2 ? 
primary 'Timson, D.J.'    3 ? 
primary 'van Raaij, M.J.' 4 ? 
1       'Thomas, C.M.'    5 ? 
1       'Timson, D.J.'    6 ? 
# 
loop_
_entity.id 
_entity.type 
_entity.src_method 
_entity.pdbx_description 
_entity.formula_weight 
_entity.pdbx_number_of_molecules 
_entity.pdbx_ec 
_entity.pdbx_mutation 
_entity.pdbx_fragment 
_entity.details 
1 polymer man 'CALCIUM BINDING PROTEIN' 12522.271 1 ? ? 'DYNEIN LIGHT CHAIN-LIKE DOMAIN, RESIDUES 99-189' ? 
2 water   nat water                     18.015    7 ? ? ?                                                 ? 
# 
_entity_name_com.entity_id   1 
_entity_name_com.name        'CALCIUM BINDING PROTEIN FHCABP2' 
# 
_entity_poly.entity_id                      1 
_entity_poly.type                           'polypeptide(L)' 
_entity_poly.nstd_linkage                   no 
_entity_poly.nstd_monomer                   no 
_entity_poly.pdbx_seq_one_letter_code       
;AHHHHHHVDDDDKMIEMIATTMSVPRQVEVTEKFKSLVTAHNGKDEEMKDVAQDMKNYMDEKYGRVWQCVILTGSYWMHF
SHEPFLSIQFRYGRHICLAWRTPRG
;
_entity_poly.pdbx_seq_one_letter_code_can   
;AHHHHHHVDDDDKMIEMIATTMSVPRQVEVTEKFKSLVTAHNGKDEEMKDVAQDMKNYMDEKYGRVWQCVILTGSYWMHF
SHEPFLSIQFRYGRHICLAWRTPRG
;
_entity_poly.pdbx_strand_id                 A 
_entity_poly.pdbx_target_identifier         ? 
# 
_pdbx_entity_nonpoly.entity_id   2 
_pdbx_entity_nonpoly.name        water 
_pdbx_entity_nonpoly.comp_id     HOH 
# 
loop_
_entity_poly_seq.entity_id 
_entity_poly_seq.num 
_entity_poly_seq.mon_id 
_entity_poly_seq.hetero 
1 1   ALA n 
1 2   HIS n 
1 3   HIS n 
1 4   HIS n 
1 5   HIS n 
1 6   HIS n 
1 7   HIS n 
1 8   VAL n 
1 9   ASP n 
1 10  ASP n 
1 11  ASP n 
1 12  ASP n 
1 13  LYS n 
1 14  MET n 
1 15  ILE n 
1 16  GLU n 
1 17  MET n 
1 18  ILE n 
1 19  ALA n 
1 20  THR n 
1 21  THR n 
1 22  MET n 
1 23  SER n 
1 24  VAL n 
1 25  PRO n 
1 26  ARG n 
1 27  GLN n 
1 28  VAL n 
1 29  GLU n 
1 30  VAL n 
1 31  THR n 
1 32  GLU n 
1 33  LYS n 
1 34  PHE n 
1 35  LYS n 
1 36  SER n 
1 37  LEU n 
1 38  VAL n 
1 39  THR n 
1 40  ALA n 
1 41  HIS n 
1 42  ASN n 
1 43  GLY n 
1 44  LYS n 
1 45  ASP n 
1 46  GLU n 
1 47  GLU n 
1 48  MET n 
1 49  LYS n 
1 50  ASP n 
1 51  VAL n 
1 52  ALA n 
1 53  GLN n 
1 54  ASP n 
1 55  MET n 
1 56  LYS n 
1 57  ASN n 
1 58  TYR n 
1 59  MET n 
1 60  ASP n 
1 61  GLU n 
1 62  LYS n 
1 63  TYR n 
1 64  GLY n 
1 65  ARG n 
1 66  VAL n 
1 67  TRP n 
1 68  GLN n 
1 69  CYS n 
1 70  VAL n 
1 71  ILE n 
1 72  LEU n 
1 73  THR n 
1 74  GLY n 
1 75  SER n 
1 76  TYR n 
1 77  TRP n 
1 78  MET n 
1 79  HIS n 
1 80  PHE n 
1 81  SER n 
1 82  HIS n 
1 83  GLU n 
1 84  PRO n 
1 85  PHE n 
1 86  LEU n 
1 87  SER n 
1 88  ILE n 
1 89  GLN n 
1 90  PHE n 
1 91  ARG n 
1 92  TYR n 
1 93  GLY n 
1 94  ARG n 
1 95  HIS n 
1 96  ILE n 
1 97  CYS n 
1 98  LEU n 
1 99  ALA n 
1 100 TRP n 
1 101 ARG n 
1 102 THR n 
1 103 PRO n 
1 104 ARG n 
1 105 GLY n 
# 
_entity_src_gen.entity_id                          1 
_entity_src_gen.pdbx_src_id                        1 
_entity_src_gen.pdbx_alt_source_flag               sample 
_entity_src_gen.pdbx_seq_type                      ? 
_entity_src_gen.pdbx_beg_seq_num                   ? 
_entity_src_gen.pdbx_end_seq_num                   ? 
_entity_src_gen.gene_src_common_name               'LIVER FLUKE' 
_entity_src_gen.gene_src_genus                     ? 
_entity_src_gen.pdbx_gene_src_gene                 ? 
_entity_src_gen.gene_src_species                   ? 
_entity_src_gen.gene_src_strain                    ? 
_entity_src_gen.gene_src_tissue                    ? 
_entity_src_gen.gene_src_tissue_fraction           ? 
_entity_src_gen.gene_src_details                   ? 
_entity_src_gen.pdbx_gene_src_fragment             ? 
_entity_src_gen.pdbx_gene_src_scientific_name      'FASCIOLA HEPATICA' 
_entity_src_gen.pdbx_gene_src_ncbi_taxonomy_id     6192 
_entity_src_gen.pdbx_gene_src_variant              ? 
_entity_src_gen.pdbx_gene_src_cell_line            ? 
_entity_src_gen.pdbx_gene_src_atcc                 ? 
_entity_src_gen.pdbx_gene_src_organ                ? 
_entity_src_gen.pdbx_gene_src_organelle            ? 
_entity_src_gen.pdbx_gene_src_cell                 ? 
_entity_src_gen.pdbx_gene_src_cellular_location    ? 
_entity_src_gen.host_org_common_name               ? 
_entity_src_gen.pdbx_host_org_scientific_name      'ESCHERICHIA COLI' 
_entity_src_gen.pdbx_host_org_ncbi_taxonomy_id     562 
_entity_src_gen.host_org_genus                     ? 
_entity_src_gen.pdbx_host_org_gene                 ? 
_entity_src_gen.pdbx_host_org_organ                ? 
_entity_src_gen.host_org_species                   ? 
_entity_src_gen.pdbx_host_org_tissue               ? 
_entity_src_gen.pdbx_host_org_tissue_fraction      ? 
_entity_src_gen.pdbx_host_org_strain               HMS174 
_entity_src_gen.pdbx_host_org_variant              DE3 
_entity_src_gen.pdbx_host_org_cell_line            ? 
_entity_src_gen.pdbx_host_org_atcc                 ? 
_entity_src_gen.pdbx_host_org_culture_collection   ? 
_entity_src_gen.pdbx_host_org_cell                 ? 
_entity_src_gen.pdbx_host_org_organelle            ? 
_entity_src_gen.pdbx_host_org_cellular_location    ? 
_entity_src_gen.pdbx_host_org_vector_type          ? 
_entity_src_gen.pdbx_host_org_vector               ? 
_entity_src_gen.host_org_details                   ? 
_entity_src_gen.expression_system_id               ? 
_entity_src_gen.plasmid_name                       PET46EK/LIC 
_entity_src_gen.plasmid_details                    ? 
_entity_src_gen.pdbx_description                   ? 
# 
loop_
_chem_comp.id 
_chem_comp.type 
_chem_comp.mon_nstd_flag 
_chem_comp.name 
_chem_comp.pdbx_synonyms 
_chem_comp.formula 
_chem_comp.formula_weight 
ALA 'L-peptide linking' y ALANINE         ? 'C3 H7 N O2'     89.093  
ARG 'L-peptide linking' y ARGININE        ? 'C6 H15 N4 O2 1' 175.209 
ASN 'L-peptide linking' y ASPARAGINE      ? 'C4 H8 N2 O3'    132.118 
ASP 'L-peptide linking' y 'ASPARTIC ACID' ? 'C4 H7 N O4'     133.103 
CYS 'L-peptide linking' y CYSTEINE        ? 'C3 H7 N O2 S'   121.158 
GLN 'L-peptide linking' y GLUTAMINE       ? 'C5 H10 N2 O3'   146.144 
GLU 'L-peptide linking' y 'GLUTAMIC ACID' ? 'C5 H9 N O4'     147.129 
GLY 'peptide linking'   y GLYCINE         ? 'C2 H5 N O2'     75.067  
HIS 'L-peptide linking' y HISTIDINE       ? 'C6 H10 N3 O2 1' 156.162 
HOH non-polymer         . WATER           ? 'H2 O'           18.015  
ILE 'L-peptide linking' y ISOLEUCINE      ? 'C6 H13 N O2'    131.173 
LEU 'L-peptide linking' y LEUCINE         ? 'C6 H13 N O2'    131.173 
LYS 'L-peptide linking' y LYSINE          ? 'C6 H15 N2 O2 1' 147.195 
MET 'L-peptide linking' y METHIONINE      ? 'C5 H11 N O2 S'  149.211 
PHE 'L-peptide linking' y PHENYLALANINE   ? 'C9 H11 N O2'    165.189 
PRO 'L-peptide linking' y PROLINE         ? 'C5 H9 N O2'     115.130 
SER 'L-peptide linking' y SERINE          ? 'C3 H7 N O3'     105.093 
THR 'L-peptide linking' y THREONINE       ? 'C4 H9 N O3'     119.119 
TRP 'L-peptide linking' y TRYPTOPHAN      ? 'C11 H12 N2 O2'  204.225 
TYR 'L-peptide linking' y TYROSINE        ? 'C9 H11 N O3'    181.189 
VAL 'L-peptide linking' y VALINE          ? 'C5 H11 N O2'    117.146 
# 
loop_
_pdbx_poly_seq_scheme.asym_id 
_pdbx_poly_seq_scheme.entity_id 
_pdbx_poly_seq_scheme.seq_id 
_pdbx_poly_seq_scheme.mon_id 
_pdbx_poly_seq_scheme.ndb_seq_num 
_pdbx_poly_seq_scheme.pdb_seq_num 
_pdbx_poly_seq_scheme.auth_seq_num 
_pdbx_poly_seq_scheme.pdb_mon_id 
_pdbx_poly_seq_scheme.auth_mon_id 
_pdbx_poly_seq_scheme.pdb_strand_id 
_pdbx_poly_seq_scheme.pdb_ins_code 
_pdbx_poly_seq_scheme.hetero 
A 1 1   ALA 1   85  ?   ?   ?   A . n 
A 1 2   HIS 2   86  ?   ?   ?   A . n 
A 1 3   HIS 3   87  ?   ?   ?   A . n 
A 1 4   HIS 4   88  ?   ?   ?   A . n 
A 1 5   HIS 5   89  ?   ?   ?   A . n 
A 1 6   HIS 6   90  90  HIS HIS A . n 
A 1 7   HIS 7   91  91  HIS HIS A . n 
A 1 8   VAL 8   92  92  VAL VAL A . n 
A 1 9   ASP 9   93  93  ASP ASP A . n 
A 1 10  ASP 10  94  94  ASP ASP A . n 
A 1 11  ASP 11  95  95  ASP ASP A . n 
A 1 12  ASP 12  96  96  ASP ASP A . n 
A 1 13  LYS 13  97  97  LYS LYS A . n 
A 1 14  MET 14  98  98  MET MET A . n 
A 1 15  ILE 15  99  99  ILE ILE A . n 
A 1 16  GLU 16  100 100 GLU GLU A . n 
A 1 17  MET 17  101 101 MET MET A . n 
A 1 18  ILE 18  102 102 ILE ILE A . n 
A 1 19  ALA 19  103 103 ALA ALA A . n 
A 1 20  THR 20  104 104 THR THR A . n 
A 1 21  THR 21  105 105 THR THR A . n 
A 1 22  MET 22  106 106 MET MET A . n 
A 1 23  SER 23  107 107 SER SER A . n 
A 1 24  VAL 24  108 108 VAL VAL A . n 
A 1 25  PRO 25  109 109 PRO PRO A . n 
A 1 26  ARG 26  110 110 ARG ARG A . n 
A 1 27  GLN 27  111 111 GLN GLN A . n 
A 1 28  VAL 28  112 112 VAL VAL A . n 
A 1 29  GLU 29  113 113 GLU GLU A . n 
A 1 30  VAL 30  114 114 VAL VAL A . n 
A 1 31  THR 31  115 115 THR THR A . n 
A 1 32  GLU 32  116 116 GLU GLU A . n 
A 1 33  LYS 33  117 117 LYS LYS A . n 
A 1 34  PHE 34  118 118 PHE PHE A . n 
A 1 35  LYS 35  119 119 LYS LYS A . n 
A 1 36  SER 36  120 120 SER SER A . n 
A 1 37  LEU 37  121 121 LEU LEU A . n 
A 1 38  VAL 38  122 122 VAL VAL A . n 
A 1 39  THR 39  123 123 THR THR A . n 
A 1 40  ALA 40  124 124 ALA ALA A . n 
A 1 41  HIS 41  125 125 HIS HIS A . n 
A 1 42  ASN 42  126 126 ASN ASN A . n 
A 1 43  GLY 43  127 127 GLY GLY A . n 
A 1 44  LYS 44  128 128 LYS LYS A . n 
A 1 45  ASP 45  129 129 ASP ASP A . n 
A 1 46  GLU 46  130 130 GLU GLU A . n 
A 1 47  GLU 47  131 131 GLU GLU A . n 
A 1 48  MET 48  132 132 MET MET A . n 
A 1 49  LYS 49  133 133 LYS LYS A . n 
A 1 50  ASP 50  134 134 ASP ASP A . n 
A 1 51  VAL 51  135 135 VAL VAL A . n 
A 1 52  ALA 52  136 136 ALA ALA A . n 
A 1 53  GLN 53  137 137 GLN GLN A . n 
A 1 54  ASP 54  138 138 ASP ASP A . n 
A 1 55  MET 55  139 139 MET MET A . n 
A 1 56  LYS 56  140 140 LYS LYS A . n 
A 1 57  ASN 57  141 141 ASN ASN A . n 
A 1 58  TYR 58  142 142 TYR TYR A . n 
A 1 59  MET 59  143 143 MET MET A . n 
A 1 60  ASP 60  144 144 ASP ASP A . n 
A 1 61  GLU 61  145 145 GLU GLU A . n 
A 1 62  LYS 62  146 146 LYS LYS A . n 
A 1 63  TYR 63  147 147 TYR TYR A . n 
A 1 64  GLY 64  148 148 GLY GLY A . n 
A 1 65  ARG 65  149 149 ARG ARG A . n 
A 1 66  VAL 66  150 150 VAL VAL A . n 
A 1 67  TRP 67  151 151 TRP TRP A . n 
A 1 68  GLN 68  152 152 GLN GLN A . n 
A 1 69  CYS 69  153 153 CYS CYS A . n 
A 1 70  VAL 70  154 154 VAL VAL A . n 
A 1 71  ILE 71  155 155 ILE ILE A . n 
A 1 72  LEU 72  156 156 LEU LEU A . n 
A 1 73  THR 73  157 157 THR THR A . n 
A 1 74  GLY 74  158 158 GLY GLY A . n 
A 1 75  SER 75  159 159 SER SER A . n 
A 1 76  TYR 76  160 160 TYR TYR A . n 
A 1 77  TRP 77  161 161 TRP TRP A . n 
A 1 78  MET 78  162 162 MET MET A . n 
A 1 79  HIS 79  163 163 HIS HIS A . n 
A 1 80  PHE 80  164 164 PHE PHE A . n 
A 1 81  SER 81  165 165 SER SER A . n 
A 1 82  HIS 82  166 166 HIS HIS A . n 
A 1 83  GLU 83  167 167 GLU GLU A . n 
A 1 84  PRO 84  168 168 PRO PRO A . n 
A 1 85  PHE 85  169 169 PHE PHE A . n 
A 1 86  LEU 86  170 170 LEU LEU A . n 
A 1 87  SER 87  171 171 SER SER A . n 
A 1 88  ILE 88  172 172 ILE ILE A . n 
A 1 89  GLN 89  173 173 GLN GLN A . n 
A 1 90  PHE 90  174 174 PHE PHE A . n 
A 1 91  ARG 91  175 175 ARG ARG A . n 
A 1 92  TYR 92  176 176 TYR TYR A . n 
A 1 93  GLY 93  177 177 GLY GLY A . n 
A 1 94  ARG 94  178 178 ARG ARG A . n 
A 1 95  HIS 95  179 179 HIS HIS A . n 
A 1 96  ILE 96  180 180 ILE ILE A . n 
A 1 97  CYS 97  181 181 CYS CYS A . n 
A 1 98  LEU 98  182 182 LEU LEU A . n 
A 1 99  ALA 99  183 183 ALA ALA A . n 
A 1 100 TRP 100 184 184 TRP TRP A . n 
A 1 101 ARG 101 185 185 ARG ARG A . n 
A 1 102 THR 102 186 186 THR THR A . n 
A 1 103 PRO 103 187 187 PRO PRO A . n 
A 1 104 ARG 104 188 ?   ?   ?   A . n 
A 1 105 GLY 105 189 ?   ?   ?   A . n 
# 
loop_
_pdbx_nonpoly_scheme.asym_id 
_pdbx_nonpoly_scheme.entity_id 
_pdbx_nonpoly_scheme.mon_id 
_pdbx_nonpoly_scheme.ndb_seq_num 
_pdbx_nonpoly_scheme.pdb_seq_num 
_pdbx_nonpoly_scheme.auth_seq_num 
_pdbx_nonpoly_scheme.pdb_mon_id 
_pdbx_nonpoly_scheme.auth_mon_id 
_pdbx_nonpoly_scheme.pdb_strand_id 
_pdbx_nonpoly_scheme.pdb_ins_code 
B 2 HOH 1 2001 2001 HOH HOH A . 
B 2 HOH 2 2002 2002 HOH HOH A . 
B 2 HOH 3 2003 2003 HOH HOH A . 
B 2 HOH 4 2004 2004 HOH HOH A . 
B 2 HOH 5 2005 2005 HOH HOH A . 
B 2 HOH 6 2006 2006 HOH HOH A . 
B 2 HOH 7 2007 2007 HOH HOH A . 
# 
loop_
_software.name 
_software.classification 
_software.version 
_software.citation_id 
_software.pdbx_ordinal 
REFMAC refinement       5.8.0135 ? 1 
MOSFLM 'data reduction' .        ? 2 
SCALA  'data scaling'   .        ? 3 
PHASER phasing          .        ? 4 
# 
_cell.entry_id           5FX0 
_cell.length_a           59.630 
_cell.length_b           59.630 
_cell.length_c           90.062 
_cell.angle_alpha        90.00 
_cell.angle_beta         90.00 
_cell.angle_gamma        120.00 
_cell.Z_PDB              12 
_cell.pdbx_unique_axis   ? 
# 
_symmetry.entry_id                         5FX0 
_symmetry.space_group_name_H-M             'P 64 2 2' 
_symmetry.pdbx_full_space_group_name_H-M   ? 
_symmetry.cell_setting                     ? 
_symmetry.Int_Tables_number                181 
# 
_exptl.entry_id          5FX0 
_exptl.method            'X-RAY DIFFRACTION' 
_exptl.crystals_number   1 
# 
_exptl_crystal.id                    1 
_exptl_crystal.density_meas          ? 
_exptl_crystal.density_Matthews      1.85 
_exptl_crystal.density_percent_sol   33.5 
_exptl_crystal.description           NONE 
# 
_exptl_crystal_grow.crystal_id      1 
_exptl_crystal_grow.method          ? 
_exptl_crystal_grow.temp            ? 
_exptl_crystal_grow.temp_details    ? 
_exptl_crystal_grow.pH              8.5 
_exptl_crystal_grow.pdbx_pH_range   ? 
_exptl_crystal_grow.pdbx_details    
'10 ML OF 10 MM TRIS-HCL PH 8.5, 50 MM SODIUM CHLORIDE, 20 % (W/V) PEG 3350, 0.2 M SODIUM TARTRATE' 
# 
_diffrn.id                     1 
_diffrn.ambient_temp           100 
_diffrn.ambient_temp_details   ? 
_diffrn.crystal_id             1 
# 
_diffrn_detector.diffrn_id              1 
_diffrn_detector.detector               PIXEL 
_diffrn_detector.type                   'DECTRIS PILATUS 6M' 
_diffrn_detector.pdbx_collection_date   2015-10-22 
_diffrn_detector.details                
'SI(111) CHANNEL-CUT, CRYOCOOLEDELLIPTICALLY BENT VERTICAL AND HORIZONTAL FOCUSSING MIRRORS' 
# 
_diffrn_radiation.diffrn_id                        1 
_diffrn_radiation.wavelength_id                    1 
_diffrn_radiation.pdbx_monochromatic_or_laue_m_l   M 
_diffrn_radiation.monochromator                    'SI(111) CHANNEL-CUT, CRYOCOOLED' 
_diffrn_radiation.pdbx_diffrn_protocol             'SINGLE WAVELENGTH' 
_diffrn_radiation.pdbx_scattering_type             x-ray 
# 
_diffrn_radiation_wavelength.id           1 
_diffrn_radiation_wavelength.wavelength   1.0047 
_diffrn_radiation_wavelength.wt           1.0 
# 
_diffrn_source.diffrn_id                   1 
_diffrn_source.source                      SYNCHROTRON 
_diffrn_source.type                        'ALBA BEAMLINE XALOC' 
_diffrn_source.pdbx_synchrotron_site       ALBA 
_diffrn_source.pdbx_synchrotron_beamline   XALOC 
_diffrn_source.pdbx_wavelength             1.0047 
_diffrn_source.pdbx_wavelength_list        ? 
# 
_reflns.pdbx_diffrn_id               1 
_reflns.pdbx_ordinal                 1 
_reflns.entry_id                     5FX0 
_reflns.observed_criterion_sigma_I   . 
_reflns.observed_criterion_sigma_F   ? 
_reflns.d_resolution_low             50.00 
_reflns.d_resolution_high            2.20 
_reflns.number_obs                   5253 
_reflns.number_all                   ? 
_reflns.percent_possible_obs         100.0 
_reflns.pdbx_Rmerge_I_obs            0.06 
_reflns.pdbx_Rsym_value              ? 
_reflns.pdbx_netI_over_sigmaI        22.70 
_reflns.B_iso_Wilson_estimate        41.2 
_reflns.pdbx_redundancy              11.0 
# 
_reflns_shell.pdbx_diffrn_id         1 
_reflns_shell.pdbx_ordinal           1 
_reflns_shell.d_res_high             2.20 
_reflns_shell.d_res_low              2.32 
_reflns_shell.percent_possible_all   100.0 
_reflns_shell.Rmerge_I_obs           0.49 
_reflns_shell.pdbx_Rsym_value        ? 
_reflns_shell.meanI_over_sigI_obs    5.00 
_reflns_shell.pdbx_redundancy        11.7 
# 
_refine.pdbx_refine_id                           'X-RAY DIFFRACTION' 
_refine.entry_id                                 5FX0 
_refine.pdbx_diffrn_id                           1 
_refine.pdbx_TLS_residual_ADP_flag               ? 
_refine.ls_number_reflns_obs                     4093 
_refine.ls_number_reflns_all                     ? 
_refine.pdbx_ls_sigma_I                          ? 
_refine.pdbx_ls_sigma_F                          . 
_refine.pdbx_data_cutoff_high_absF               ? 
_refine.pdbx_data_cutoff_low_absF                ? 
_refine.pdbx_data_cutoff_high_rms_absF           ? 
_refine.ls_d_res_low                             51.64 
_refine.ls_d_res_high                            2.30 
_refine.ls_percent_reflns_obs                    99.74 
_refine.ls_R_factor_obs                          0.20938 
_refine.ls_R_factor_all                          ? 
_refine.ls_R_factor_R_work                       0.20211 
_refine.ls_R_factor_R_free                       0.27491 
_refine.ls_R_factor_R_free_error                 ? 
_refine.ls_R_factor_R_free_error_details         ? 
_refine.ls_percent_reflns_R_free                 10.6 
_refine.ls_number_reflns_R_free                  484 
_refine.ls_number_parameters                     ? 
_refine.ls_number_restraints                     ? 
_refine.occupancy_min                            ? 
_refine.occupancy_max                            ? 
_refine.correlation_coeff_Fo_to_Fc               0.958 
_refine.correlation_coeff_Fo_to_Fc_free          0.922 
_refine.B_iso_mean                               62.215 
_refine.aniso_B[1][1]                            1.80 
_refine.aniso_B[2][2]                            1.80 
_refine.aniso_B[3][3]                            -5.84 
_refine.aniso_B[1][2]                            0.90 
_refine.aniso_B[1][3]                            0.00 
_refine.aniso_B[2][3]                            0.00 
_refine.solvent_model_details                    MASK 
_refine.solvent_model_param_ksol                 ? 
_refine.solvent_model_param_bsol                 ? 
_refine.pdbx_solvent_vdw_probe_radii             1.20 
_refine.pdbx_solvent_ion_probe_radii             0.80 
_refine.pdbx_solvent_shrinkage_radii             0.80 
_refine.pdbx_ls_cross_valid_method               THROUGHOUT 
_refine.details                                  'HYDROGENS HAVE BEEN ADDED IN THE RIDING POSITIONS. U VALUES REFINED INDIVIDUALLY' 
_refine.pdbx_starting_model                      'PDB ENTRY 5FWZ' 
_refine.pdbx_method_to_determine_struct          'MOLECULAR REPLACEMENT' 
_refine.pdbx_isotropic_thermal_model             ? 
_refine.pdbx_stereochemistry_target_values       'MAXIMUM LIKELIHOOD' 
_refine.pdbx_stereochem_target_val_spec_case     ? 
_refine.pdbx_R_Free_selection_details            RANDOM 
_refine.pdbx_overall_ESU_R                       0.490 
_refine.pdbx_overall_ESU_R_Free                  0.295 
_refine.overall_SU_ML                            0.216 
_refine.pdbx_overall_phase_error                 ? 
_refine.overall_SU_B                             9.251 
_refine.overall_SU_R_Cruickshank_DPI             ? 
_refine.pdbx_overall_SU_R_free_Cruickshank_DPI   ? 
_refine.pdbx_overall_SU_R_Blow_DPI               ? 
_refine.pdbx_overall_SU_R_free_Blow_DPI          ? 
# 
_refine_hist.pdbx_refine_id                   'X-RAY DIFFRACTION' 
_refine_hist.cycle_id                         LAST 
_refine_hist.pdbx_number_atoms_protein        816 
_refine_hist.pdbx_number_atoms_nucleic_acid   0 
_refine_hist.pdbx_number_atoms_ligand         0 
_refine_hist.number_atoms_solvent             7 
_refine_hist.number_atoms_total               823 
_refine_hist.d_res_high                       2.30 
_refine_hist.d_res_low                        51.64 
# 
loop_
_refine_ls_restr.type 
_refine_ls_restr.dev_ideal 
_refine_ls_restr.dev_ideal_target 
_refine_ls_restr.weight 
_refine_ls_restr.number 
_refine_ls_restr.pdbx_refine_id 
_refine_ls_restr.pdbx_restraint_function 
r_bond_refined_d             0.011  0.019  ? 838  'X-RAY DIFFRACTION' ? 
r_bond_other_d               0.002  0.020  ? 773  'X-RAY DIFFRACTION' ? 
r_angle_refined_deg          1.452  1.914  ? 1130 'X-RAY DIFFRACTION' ? 
r_angle_other_deg            0.944  3.000  ? 1782 'X-RAY DIFFRACTION' ? 
r_dihedral_angle_1_deg       6.557  5.000  ? 97   'X-RAY DIFFRACTION' ? 
r_dihedral_angle_2_deg       29.749 23.721 ? 43   'X-RAY DIFFRACTION' ? 
r_dihedral_angle_3_deg       17.220 15.000 ? 152  'X-RAY DIFFRACTION' ? 
r_dihedral_angle_4_deg       22.346 15.000 ? 5    'X-RAY DIFFRACTION' ? 
r_chiral_restr               0.092  0.200  ? 117  'X-RAY DIFFRACTION' ? 
r_gen_planes_refined         0.005  0.020  ? 929  'X-RAY DIFFRACTION' ? 
r_gen_planes_other           0.001  0.020  ? 204  'X-RAY DIFFRACTION' ? 
r_nbd_refined                0.180  0.200  ? 276  'X-RAY DIFFRACTION' ? 
r_nbd_other                  0.163  0.200  ? 68   'X-RAY DIFFRACTION' ? 
r_nbtor_refined              0.177  0.200  ? 778  'X-RAY DIFFRACTION' ? 
r_nbtor_other                0.076  0.200  ? 882  'X-RAY DIFFRACTION' ? 
r_xyhbond_nbd_refined        0.219  0.200  ? 28   'X-RAY DIFFRACTION' ? 
r_xyhbond_nbd_other          0.029  0.200  ? 2    'X-RAY DIFFRACTION' ? 
r_metal_ion_refined          ?      ?      ? ?    'X-RAY DIFFRACTION' ? 
r_metal_ion_other            ?      ?      ? ?    'X-RAY DIFFRACTION' ? 
r_symmetry_vdw_refined       0.206  0.200  ? 19   'X-RAY DIFFRACTION' ? 
r_symmetry_vdw_other         0.164  0.200  ? 67   'X-RAY DIFFRACTION' ? 
r_symmetry_hbond_refined     0.084  0.200  ? 1    'X-RAY DIFFRACTION' ? 
r_symmetry_hbond_other       ?      ?      ? ?    'X-RAY DIFFRACTION' ? 
r_symmetry_metal_ion_refined ?      ?      ? ?    'X-RAY DIFFRACTION' ? 
r_symmetry_metal_ion_other   ?      ?      ? ?    'X-RAY DIFFRACTION' ? 
r_mcbond_it                  3.856  5.820  ? 391  'X-RAY DIFFRACTION' ? 
r_mcbond_other               3.842  5.814  ? 390  'X-RAY DIFFRACTION' ? 
r_mcangle_it                 6.125  8.710  ? 487  'X-RAY DIFFRACTION' ? 
r_mcangle_other              ?      ?      ? ?    'X-RAY DIFFRACTION' ? 
r_scbond_it                  5.034  6.629  ? 447  'X-RAY DIFFRACTION' ? 
r_scbond_other               ?      ?      ? ?    'X-RAY DIFFRACTION' ? 
r_scangle_it                 7.950  9.685  ? 642  'X-RAY DIFFRACTION' ? 
r_scangle_other              ?      ?      ? ?    'X-RAY DIFFRACTION' ? 
r_long_range_B_refined       ?      ?      ? ?    'X-RAY DIFFRACTION' ? 
r_long_range_B_other         ?      ?      ? ?    'X-RAY DIFFRACTION' ? 
r_rigid_bond_restr           ?      ?      ? ?    'X-RAY DIFFRACTION' ? 
r_sphericity_free            ?      ?      ? ?    'X-RAY DIFFRACTION' ? 
r_sphericity_bonded          ?      ?      ? ?    'X-RAY DIFFRACTION' ? 
# 
_refine_ls_shell.pdbx_refine_id                   'X-RAY DIFFRACTION' 
_refine_ls_shell.pdbx_total_number_of_bins_used   20 
_refine_ls_shell.d_res_high                       2.300 
_refine_ls_shell.d_res_low                        2.360 
_refine_ls_shell.number_reflns_R_work             282 
_refine_ls_shell.R_factor_R_work                  0.296 
_refine_ls_shell.percent_reflns_obs               99.68 
_refine_ls_shell.R_factor_R_free                  0.494 
_refine_ls_shell.R_factor_R_free_error            ? 
_refine_ls_shell.percent_reflns_R_free            ? 
_refine_ls_shell.number_reflns_R_free             34 
_refine_ls_shell.number_reflns_all                ? 
_refine_ls_shell.R_factor_all                     ? 
# 
_struct.entry_id                  5FX0 
_struct.title                     
'Fasciola hepatica calcium binding protein FhCaBP2: Structure of the dynein light chain-like domain. P6422 native.' 
_struct.pdbx_model_details        ? 
_struct.pdbx_CASP_flag            ? 
_struct.pdbx_model_type_details   ? 
# 
_struct_keywords.entry_id        5FX0 
_struct_keywords.pdbx_keywords   'CELL ADHESION' 
_struct_keywords.text            'CELL ADHESION' 
# 
loop_
_struct_asym.id 
_struct_asym.pdbx_blank_PDB_chainid_flag 
_struct_asym.pdbx_modified 
_struct_asym.entity_id 
_struct_asym.details 
A N N 1 ? 
B N N 2 ? 
# 
_struct_ref.id                         1 
_struct_ref.db_name                    UNP 
_struct_ref.db_code                    A0A0B5GUS3_FASHE 
_struct_ref.entity_id                  1 
_struct_ref.pdbx_seq_one_letter_code   ? 
_struct_ref.pdbx_align_begin           ? 
_struct_ref.pdbx_db_accession          A0A0B5GUS3 
_struct_ref.pdbx_db_isoform            ? 
# 
_struct_ref_seq.align_id                      1 
_struct_ref_seq.ref_id                        1 
_struct_ref_seq.pdbx_PDB_id_code              5FX0 
_struct_ref_seq.pdbx_strand_id                A 
_struct_ref_seq.seq_align_beg                 15 
_struct_ref_seq.pdbx_seq_align_beg_ins_code   ? 
_struct_ref_seq.seq_align_end                 105 
_struct_ref_seq.pdbx_seq_align_end_ins_code   ? 
_struct_ref_seq.pdbx_db_accession             A0A0B5GUS3 
_struct_ref_seq.db_align_beg                  99 
_struct_ref_seq.pdbx_db_align_beg_ins_code    ? 
_struct_ref_seq.db_align_end                  189 
_struct_ref_seq.pdbx_db_align_end_ins_code    ? 
_struct_ref_seq.pdbx_auth_seq_align_beg       99 
_struct_ref_seq.pdbx_auth_seq_align_end       189 
# 
loop_
_struct_ref_seq_dif.align_id 
_struct_ref_seq_dif.pdbx_pdb_id_code 
_struct_ref_seq_dif.mon_id 
_struct_ref_seq_dif.pdbx_pdb_strand_id 
_struct_ref_seq_dif.seq_num 
_struct_ref_seq_dif.pdbx_pdb_ins_code 
_struct_ref_seq_dif.pdbx_seq_db_name 
_struct_ref_seq_dif.pdbx_seq_db_accession_code 
_struct_ref_seq_dif.db_mon_id 
_struct_ref_seq_dif.pdbx_seq_db_seq_num 
_struct_ref_seq_dif.details 
_struct_ref_seq_dif.pdbx_auth_seq_num 
_struct_ref_seq_dif.pdbx_ordinal 
1 5FX0 ALA A 1  ? UNP A0A0B5GUS3 ? ? 'expression tag' 85 1  
1 5FX0 HIS A 2  ? UNP A0A0B5GUS3 ? ? 'expression tag' 86 2  
1 5FX0 HIS A 3  ? UNP A0A0B5GUS3 ? ? 'expression tag' 87 3  
1 5FX0 HIS A 4  ? UNP A0A0B5GUS3 ? ? 'expression tag' 88 4  
1 5FX0 HIS A 5  ? UNP A0A0B5GUS3 ? ? 'expression tag' 89 5  
1 5FX0 HIS A 6  ? UNP A0A0B5GUS3 ? ? 'expression tag' 90 6  
1 5FX0 HIS A 7  ? UNP A0A0B5GUS3 ? ? 'expression tag' 91 7  
1 5FX0 VAL A 8  ? UNP A0A0B5GUS3 ? ? 'expression tag' 92 8  
1 5FX0 ASP A 9  ? UNP A0A0B5GUS3 ? ? 'expression tag' 93 9  
1 5FX0 ASP A 10 ? UNP A0A0B5GUS3 ? ? 'expression tag' 94 10 
1 5FX0 ASP A 11 ? UNP A0A0B5GUS3 ? ? 'expression tag' 95 11 
1 5FX0 ASP A 12 ? UNP A0A0B5GUS3 ? ? 'expression tag' 96 12 
1 5FX0 LYS A 13 ? UNP A0A0B5GUS3 ? ? 'expression tag' 97 13 
1 5FX0 MET A 14 ? UNP A0A0B5GUS3 ? ? 'expression tag' 98 14 
# 
_pdbx_struct_assembly.id                   1 
_pdbx_struct_assembly.details              software_defined_assembly 
_pdbx_struct_assembly.method_details       PISA 
_pdbx_struct_assembly.oligomeric_details   dimeric 
_pdbx_struct_assembly.oligomeric_count     2 
# 
loop_
_pdbx_struct_assembly_prop.biol_id 
_pdbx_struct_assembly_prop.type 
_pdbx_struct_assembly_prop.value 
_pdbx_struct_assembly_prop.details 
1 'ABSA (A^2)' 2190  ? 
1 MORE         -14.6 ? 
1 'SSA (A^2)'  10510 ? 
# 
_pdbx_struct_assembly_gen.assembly_id       1 
_pdbx_struct_assembly_gen.oper_expression   1,2 
_pdbx_struct_assembly_gen.asym_id_list      A,B 
# 
loop_
_pdbx_struct_oper_list.id 
_pdbx_struct_oper_list.type 
_pdbx_struct_oper_list.name 
_pdbx_struct_oper_list.symmetry_operation 
_pdbx_struct_oper_list.matrix[1][1] 
_pdbx_struct_oper_list.matrix[1][2] 
_pdbx_struct_oper_list.matrix[1][3] 
_pdbx_struct_oper_list.vector[1] 
_pdbx_struct_oper_list.matrix[2][1] 
_pdbx_struct_oper_list.matrix[2][2] 
_pdbx_struct_oper_list.matrix[2][3] 
_pdbx_struct_oper_list.vector[2] 
_pdbx_struct_oper_list.matrix[3][1] 
_pdbx_struct_oper_list.matrix[3][2] 
_pdbx_struct_oper_list.matrix[3][3] 
_pdbx_struct_oper_list.vector[3] 
1 'identity operation'         1_555 x,y,z     1.0000000000  0.0000000000 0.0000000000 0.0000000000  0.0000000000 1.0000000000  0.0000000000 0.0000000000   0.0000000000 0.0000000000 1.0000000000 0.0000000000  
2 'crystal symmetry operation' 4_655 -x+1,-y,z -0.8536194052 0.2924178408 0.4310750716 -7.8533610985 0.2924178408 -0.4158502105 0.8611390183 -15.7441194227 0.4310750716 0.8611390183 0.2694696157 13.3467264852 
# 
_struct_biol.id   1 
# 
loop_
_struct_conf.conf_type_id 
_struct_conf.id 
_struct_conf.pdbx_PDB_helix_id 
_struct_conf.beg_label_comp_id 
_struct_conf.beg_label_asym_id 
_struct_conf.beg_label_seq_id 
_struct_conf.pdbx_beg_PDB_ins_code 
_struct_conf.end_label_comp_id 
_struct_conf.end_label_asym_id 
_struct_conf.end_label_seq_id 
_struct_conf.pdbx_end_PDB_ins_code 
_struct_conf.beg_auth_comp_id 
_struct_conf.beg_auth_asym_id 
_struct_conf.beg_auth_seq_id 
_struct_conf.end_auth_comp_id 
_struct_conf.end_auth_asym_id 
_struct_conf.end_auth_seq_id 
_struct_conf.pdbx_PDB_helix_class 
_struct_conf.details 
_struct_conf.pdbx_PDB_helix_length 
HELX_P HELX_P1 1 SER A 23 ? HIS A 41 ? SER A 107 HIS A 125 1 ? 19 
HELX_P HELX_P2 2 LYS A 44 ? GLU A 46 ? LYS A 128 GLU A 130 5 ? 3  
HELX_P HELX_P3 3 GLU A 47 ? GLY A 64 ? GLU A 131 GLY A 148 1 ? 18 
# 
_struct_conf_type.id          HELX_P 
_struct_conf_type.criteria    ? 
_struct_conf_type.reference   ? 
# 
_struct_mon_prot_cis.pdbx_id                1 
_struct_mon_prot_cis.label_comp_id          ARG 
_struct_mon_prot_cis.label_seq_id           65 
_struct_mon_prot_cis.label_asym_id          A 
_struct_mon_prot_cis.label_alt_id           . 
_struct_mon_prot_cis.pdbx_PDB_ins_code      ? 
_struct_mon_prot_cis.auth_comp_id           ARG 
_struct_mon_prot_cis.auth_seq_id            149 
_struct_mon_prot_cis.auth_asym_id           A 
_struct_mon_prot_cis.pdbx_label_comp_id_2   VAL 
_struct_mon_prot_cis.pdbx_label_seq_id_2    66 
_struct_mon_prot_cis.pdbx_label_asym_id_2   A 
_struct_mon_prot_cis.pdbx_PDB_ins_code_2    ? 
_struct_mon_prot_cis.pdbx_auth_comp_id_2    VAL 
_struct_mon_prot_cis.pdbx_auth_seq_id_2     150 
_struct_mon_prot_cis.pdbx_auth_asym_id_2    A 
_struct_mon_prot_cis.pdbx_PDB_model_num     1 
_struct_mon_prot_cis.pdbx_omega_angle       -15.50 
# 
_struct_sheet.id               AA 
_struct_sheet.type             ? 
_struct_sheet.number_strands   4 
_struct_sheet.details          ? 
# 
loop_
_struct_sheet_order.sheet_id 
_struct_sheet_order.range_id_1 
_struct_sheet_order.range_id_2 
_struct_sheet_order.offset 
_struct_sheet_order.sense 
AA 1 2 ? anti-parallel 
AA 2 3 ? anti-parallel 
AA 3 4 ? anti-parallel 
# 
loop_
_struct_sheet_range.sheet_id 
_struct_sheet_range.id 
_struct_sheet_range.beg_label_comp_id 
_struct_sheet_range.beg_label_asym_id 
_struct_sheet_range.beg_label_seq_id 
_struct_sheet_range.pdbx_beg_PDB_ins_code 
_struct_sheet_range.end_label_comp_id 
_struct_sheet_range.end_label_asym_id 
_struct_sheet_range.end_label_seq_id 
_struct_sheet_range.pdbx_end_PDB_ins_code 
_struct_sheet_range.beg_auth_comp_id 
_struct_sheet_range.beg_auth_asym_id 
_struct_sheet_range.beg_auth_seq_id 
_struct_sheet_range.end_auth_comp_id 
_struct_sheet_range.end_auth_asym_id 
_struct_sheet_range.end_auth_seq_id 
AA 1 ILE A 15 ? THR A 20  ? ILE A 99  THR A 104 
AA 2 SER A 87 ? TYR A 92  ? SER A 171 TYR A 176 
AA 3 HIS A 95 ? ARG A 101 ? HIS A 179 ARG A 185 
AA 4 TRP A 67 ? LEU A 72  ? TRP A 151 LEU A 156 
# 
loop_
_pdbx_struct_sheet_hbond.sheet_id 
_pdbx_struct_sheet_hbond.range_id_1 
_pdbx_struct_sheet_hbond.range_id_2 
_pdbx_struct_sheet_hbond.range_1_label_atom_id 
_pdbx_struct_sheet_hbond.range_1_label_comp_id 
_pdbx_struct_sheet_hbond.range_1_label_asym_id 
_pdbx_struct_sheet_hbond.range_1_label_seq_id 
_pdbx_struct_sheet_hbond.range_1_PDB_ins_code 
_pdbx_struct_sheet_hbond.range_1_auth_atom_id 
_pdbx_struct_sheet_hbond.range_1_auth_comp_id 
_pdbx_struct_sheet_hbond.range_1_auth_asym_id 
_pdbx_struct_sheet_hbond.range_1_auth_seq_id 
_pdbx_struct_sheet_hbond.range_2_label_atom_id 
_pdbx_struct_sheet_hbond.range_2_label_comp_id 
_pdbx_struct_sheet_hbond.range_2_label_asym_id 
_pdbx_struct_sheet_hbond.range_2_label_seq_id 
_pdbx_struct_sheet_hbond.range_2_PDB_ins_code 
_pdbx_struct_sheet_hbond.range_2_auth_atom_id 
_pdbx_struct_sheet_hbond.range_2_auth_comp_id 
_pdbx_struct_sheet_hbond.range_2_auth_asym_id 
_pdbx_struct_sheet_hbond.range_2_auth_seq_id 
AA 1 2 N ILE A 18  ? N ILE A 102 O GLN A 89 ? O GLN A 173 
AA 2 3 N TYR A 92  ? N TYR A 176 O HIS A 95 ? O HIS A 179 
AA 3 4 N TRP A 100 ? N TRP A 184 O GLN A 68 ? O GLN A 152 
# 
loop_
_pdbx_validate_torsion.id 
_pdbx_validate_torsion.PDB_model_num 
_pdbx_validate_torsion.auth_comp_id 
_pdbx_validate_torsion.auth_asym_id 
_pdbx_validate_torsion.auth_seq_id 
_pdbx_validate_torsion.PDB_ins_code 
_pdbx_validate_torsion.label_alt_id 
_pdbx_validate_torsion.phi 
_pdbx_validate_torsion.psi 
1 1 ASN A 126 ? ? 58.11   18.24  
2 1 PHE A 164 ? ? -122.58 -53.31 
# 
_pdbx_entry_details.entry_id                 5FX0 
_pdbx_entry_details.compound_details         ? 
_pdbx_entry_details.source_details           ? 
_pdbx_entry_details.nonpolymer_details       ? 
_pdbx_entry_details.sequence_details         'RESIDUES AHHHHHHVDDDDKM ARE AN EXPRESSION TAG.' 
_pdbx_entry_details.has_ligand_of_interest   ? 
# 
loop_
_pdbx_unobs_or_zero_occ_residues.id 
_pdbx_unobs_or_zero_occ_residues.PDB_model_num 
_pdbx_unobs_or_zero_occ_residues.polymer_flag 
_pdbx_unobs_or_zero_occ_residues.occupancy_flag 
_pdbx_unobs_or_zero_occ_residues.auth_asym_id 
_pdbx_unobs_or_zero_occ_residues.auth_comp_id 
_pdbx_unobs_or_zero_occ_residues.auth_seq_id 
_pdbx_unobs_or_zero_occ_residues.PDB_ins_code 
_pdbx_unobs_or_zero_occ_residues.label_asym_id 
_pdbx_unobs_or_zero_occ_residues.label_comp_id 
_pdbx_unobs_or_zero_occ_residues.label_seq_id 
1 1 Y 1 A ALA 85  ? A ALA 1   
2 1 Y 1 A HIS 86  ? A HIS 2   
3 1 Y 1 A HIS 87  ? A HIS 3   
4 1 Y 1 A HIS 88  ? A HIS 4   
5 1 Y 1 A HIS 89  ? A HIS 5   
6 1 Y 1 A ARG 188 ? A ARG 104 
7 1 Y 1 A GLY 189 ? A GLY 105 
# 
loop_
_chem_comp_atom.comp_id 
_chem_comp_atom.atom_id 
_chem_comp_atom.type_symbol 
_chem_comp_atom.pdbx_aromatic_flag 
_chem_comp_atom.pdbx_stereo_config 
_chem_comp_atom.pdbx_ordinal 
ALA N    N N N 1   
ALA CA   C N S 2   
ALA C    C N N 3   
ALA O    O N N 4   
ALA CB   C N N 5   
ALA OXT  O N N 6   
ALA H    H N N 7   
ALA H2   H N N 8   
ALA HA   H N N 9   
ALA HB1  H N N 10  
ALA HB2  H N N 11  
ALA HB3  H N N 12  
ALA HXT  H N N 13  
ARG N    N N N 14  
ARG CA   C N S 15  
ARG C    C N N 16  
ARG O    O N N 17  
ARG CB   C N N 18  
ARG CG   C N N 19  
ARG CD   C N N 20  
ARG NE   N N N 21  
ARG CZ   C N N 22  
ARG NH1  N N N 23  
ARG NH2  N N N 24  
ARG OXT  O N N 25  
ARG H    H N N 26  
ARG H2   H N N 27  
ARG HA   H N N 28  
ARG HB2  H N N 29  
ARG HB3  H N N 30  
ARG HG2  H N N 31  
ARG HG3  H N N 32  
ARG HD2  H N N 33  
ARG HD3  H N N 34  
ARG HE   H N N 35  
ARG HH11 H N N 36  
ARG HH12 H N N 37  
ARG HH21 H N N 38  
ARG HH22 H N N 39  
ARG HXT  H N N 40  
ASN N    N N N 41  
ASN CA   C N S 42  
ASN C    C N N 43  
ASN O    O N N 44  
ASN CB   C N N 45  
ASN CG   C N N 46  
ASN OD1  O N N 47  
ASN ND2  N N N 48  
ASN OXT  O N N 49  
ASN H    H N N 50  
ASN H2   H N N 51  
ASN HA   H N N 52  
ASN HB2  H N N 53  
ASN HB3  H N N 54  
ASN HD21 H N N 55  
ASN HD22 H N N 56  
ASN HXT  H N N 57  
ASP N    N N N 58  
ASP CA   C N S 59  
ASP C    C N N 60  
ASP O    O N N 61  
ASP CB   C N N 62  
ASP CG   C N N 63  
ASP OD1  O N N 64  
ASP OD2  O N N 65  
ASP OXT  O N N 66  
ASP H    H N N 67  
ASP H2   H N N 68  
ASP HA   H N N 69  
ASP HB2  H N N 70  
ASP HB3  H N N 71  
ASP HD2  H N N 72  
ASP HXT  H N N 73  
CYS N    N N N 74  
CYS CA   C N R 75  
CYS C    C N N 76  
CYS O    O N N 77  
CYS CB   C N N 78  
CYS SG   S N N 79  
CYS OXT  O N N 80  
CYS H    H N N 81  
CYS H2   H N N 82  
CYS HA   H N N 83  
CYS HB2  H N N 84  
CYS HB3  H N N 85  
CYS HG   H N N 86  
CYS HXT  H N N 87  
GLN N    N N N 88  
GLN CA   C N S 89  
GLN C    C N N 90  
GLN O    O N N 91  
GLN CB   C N N 92  
GLN CG   C N N 93  
GLN CD   C N N 94  
GLN OE1  O N N 95  
GLN NE2  N N N 96  
GLN OXT  O N N 97  
GLN H    H N N 98  
GLN H2   H N N 99  
GLN HA   H N N 100 
GLN HB2  H N N 101 
GLN HB3  H N N 102 
GLN HG2  H N N 103 
GLN HG3  H N N 104 
GLN HE21 H N N 105 
GLN HE22 H N N 106 
GLN HXT  H N N 107 
GLU N    N N N 108 
GLU CA   C N S 109 
GLU C    C N N 110 
GLU O    O N N 111 
GLU CB   C N N 112 
GLU CG   C N N 113 
GLU CD   C N N 114 
GLU OE1  O N N 115 
GLU OE2  O N N 116 
GLU OXT  O N N 117 
GLU H    H N N 118 
GLU H2   H N N 119 
GLU HA   H N N 120 
GLU HB2  H N N 121 
GLU HB3  H N N 122 
GLU HG2  H N N 123 
GLU HG3  H N N 124 
GLU HE2  H N N 125 
GLU HXT  H N N 126 
GLY N    N N N 127 
GLY CA   C N N 128 
GLY C    C N N 129 
GLY O    O N N 130 
GLY OXT  O N N 131 
GLY H    H N N 132 
GLY H2   H N N 133 
GLY HA2  H N N 134 
GLY HA3  H N N 135 
GLY HXT  H N N 136 
HIS N    N N N 137 
HIS CA   C N S 138 
HIS C    C N N 139 
HIS O    O N N 140 
HIS CB   C N N 141 
HIS CG   C Y N 142 
HIS ND1  N Y N 143 
HIS CD2  C Y N 144 
HIS CE1  C Y N 145 
HIS NE2  N Y N 146 
HIS OXT  O N N 147 
HIS H    H N N 148 
HIS H2   H N N 149 
HIS HA   H N N 150 
HIS HB2  H N N 151 
HIS HB3  H N N 152 
HIS HD1  H N N 153 
HIS HD2  H N N 154 
HIS HE1  H N N 155 
HIS HE2  H N N 156 
HIS HXT  H N N 157 
HOH O    O N N 158 
HOH H1   H N N 159 
HOH H2   H N N 160 
ILE N    N N N 161 
ILE CA   C N S 162 
ILE C    C N N 163 
ILE O    O N N 164 
ILE CB   C N S 165 
ILE CG1  C N N 166 
ILE CG2  C N N 167 
ILE CD1  C N N 168 
ILE OXT  O N N 169 
ILE H    H N N 170 
ILE H2   H N N 171 
ILE HA   H N N 172 
ILE HB   H N N 173 
ILE HG12 H N N 174 
ILE HG13 H N N 175 
ILE HG21 H N N 176 
ILE HG22 H N N 177 
ILE HG23 H N N 178 
ILE HD11 H N N 179 
ILE HD12 H N N 180 
ILE HD13 H N N 181 
ILE HXT  H N N 182 
LEU N    N N N 183 
LEU CA   C N S 184 
LEU C    C N N 185 
LEU O    O N N 186 
LEU CB   C N N 187 
LEU CG   C N N 188 
LEU CD1  C N N 189 
LEU CD2  C N N 190 
LEU OXT  O N N 191 
LEU H    H N N 192 
LEU H2   H N N 193 
LEU HA   H N N 194 
LEU HB2  H N N 195 
LEU HB3  H N N 196 
LEU HG   H N N 197 
LEU HD11 H N N 198 
LEU HD12 H N N 199 
LEU HD13 H N N 200 
LEU HD21 H N N 201 
LEU HD22 H N N 202 
LEU HD23 H N N 203 
LEU HXT  H N N 204 
LYS N    N N N 205 
LYS CA   C N S 206 
LYS C    C N N 207 
LYS O    O N N 208 
LYS CB   C N N 209 
LYS CG   C N N 210 
LYS CD   C N N 211 
LYS CE   C N N 212 
LYS NZ   N N N 213 
LYS OXT  O N N 214 
LYS H    H N N 215 
LYS H2   H N N 216 
LYS HA   H N N 217 
LYS HB2  H N N 218 
LYS HB3  H N N 219 
LYS HG2  H N N 220 
LYS HG3  H N N 221 
LYS HD2  H N N 222 
LYS HD3  H N N 223 
LYS HE2  H N N 224 
LYS HE3  H N N 225 
LYS HZ1  H N N 226 
LYS HZ2  H N N 227 
LYS HZ3  H N N 228 
LYS HXT  H N N 229 
MET N    N N N 230 
MET CA   C N S 231 
MET C    C N N 232 
MET O    O N N 233 
MET CB   C N N 234 
MET CG   C N N 235 
MET SD   S N N 236 
MET CE   C N N 237 
MET OXT  O N N 238 
MET H    H N N 239 
MET H2   H N N 240 
MET HA   H N N 241 
MET HB2  H N N 242 
MET HB3  H N N 243 
MET HG2  H N N 244 
MET HG3  H N N 245 
MET HE1  H N N 246 
MET HE2  H N N 247 
MET HE3  H N N 248 
MET HXT  H N N 249 
PHE N    N N N 250 
PHE CA   C N S 251 
PHE C    C N N 252 
PHE O    O N N 253 
PHE CB   C N N 254 
PHE CG   C Y N 255 
PHE CD1  C Y N 256 
PHE CD2  C Y N 257 
PHE CE1  C Y N 258 
PHE CE2  C Y N 259 
PHE CZ   C Y N 260 
PHE OXT  O N N 261 
PHE H    H N N 262 
PHE H2   H N N 263 
PHE HA   H N N 264 
PHE HB2  H N N 265 
PHE HB3  H N N 266 
PHE HD1  H N N 267 
PHE HD2  H N N 268 
PHE HE1  H N N 269 
PHE HE2  H N N 270 
PHE HZ   H N N 271 
PHE HXT  H N N 272 
PRO N    N N N 273 
PRO CA   C N S 274 
PRO C    C N N 275 
PRO O    O N N 276 
PRO CB   C N N 277 
PRO CG   C N N 278 
PRO CD   C N N 279 
PRO OXT  O N N 280 
PRO H    H N N 281 
PRO HA   H N N 282 
PRO HB2  H N N 283 
PRO HB3  H N N 284 
PRO HG2  H N N 285 
PRO HG3  H N N 286 
PRO HD2  H N N 287 
PRO HD3  H N N 288 
PRO HXT  H N N 289 
SER N    N N N 290 
SER CA   C N S 291 
SER C    C N N 292 
SER O    O N N 293 
SER CB   C N N 294 
SER OG   O N N 295 
SER OXT  O N N 296 
SER H    H N N 297 
SER H2   H N N 298 
SER HA   H N N 299 
SER HB2  H N N 300 
SER HB3  H N N 301 
SER HG   H N N 302 
SER HXT  H N N 303 
THR N    N N N 304 
THR CA   C N S 305 
THR C    C N N 306 
THR O    O N N 307 
THR CB   C N R 308 
THR OG1  O N N 309 
THR CG2  C N N 310 
THR OXT  O N N 311 
THR H    H N N 312 
THR H2   H N N 313 
THR HA   H N N 314 
THR HB   H N N 315 
THR HG1  H N N 316 
THR HG21 H N N 317 
THR HG22 H N N 318 
THR HG23 H N N 319 
THR HXT  H N N 320 
TRP N    N N N 321 
TRP CA   C N S 322 
TRP C    C N N 323 
TRP O    O N N 324 
TRP CB   C N N 325 
TRP CG   C Y N 326 
TRP CD1  C Y N 327 
TRP CD2  C Y N 328 
TRP NE1  N Y N 329 
TRP CE2  C Y N 330 
TRP CE3  C Y N 331 
TRP CZ2  C Y N 332 
TRP CZ3  C Y N 333 
TRP CH2  C Y N 334 
TRP OXT  O N N 335 
TRP H    H N N 336 
TRP H2   H N N 337 
TRP HA   H N N 338 
TRP HB2  H N N 339 
TRP HB3  H N N 340 
TRP HD1  H N N 341 
TRP HE1  H N N 342 
TRP HE3  H N N 343 
TRP HZ2  H N N 344 
TRP HZ3  H N N 345 
TRP HH2  H N N 346 
TRP HXT  H N N 347 
TYR N    N N N 348 
TYR CA   C N S 349 
TYR C    C N N 350 
TYR O    O N N 351 
TYR CB   C N N 352 
TYR CG   C Y N 353 
TYR CD1  C Y N 354 
TYR CD2  C Y N 355 
TYR CE1  C Y N 356 
TYR CE2  C Y N 357 
TYR CZ   C Y N 358 
TYR OH   O N N 359 
TYR OXT  O N N 360 
TYR H    H N N 361 
TYR H2   H N N 362 
TYR HA   H N N 363 
TYR HB2  H N N 364 
TYR HB3  H N N 365 
TYR HD1  H N N 366 
TYR HD2  H N N 367 
TYR HE1  H N N 368 
TYR HE2  H N N 369 
TYR HH   H N N 370 
TYR HXT  H N N 371 
VAL N    N N N 372 
VAL CA   C N S 373 
VAL C    C N N 374 
VAL O    O N N 375 
VAL CB   C N N 376 
VAL CG1  C N N 377 
VAL CG2  C N N 378 
VAL OXT  O N N 379 
VAL H    H N N 380 
VAL H2   H N N 381 
VAL HA   H N N 382 
VAL HB   H N N 383 
VAL HG11 H N N 384 
VAL HG12 H N N 385 
VAL HG13 H N N 386 
VAL HG21 H N N 387 
VAL HG22 H N N 388 
VAL HG23 H N N 389 
VAL HXT  H N N 390 
# 
loop_
_chem_comp_bond.comp_id 
_chem_comp_bond.atom_id_1 
_chem_comp_bond.atom_id_2 
_chem_comp_bond.value_order 
_chem_comp_bond.pdbx_aromatic_flag 
_chem_comp_bond.pdbx_stereo_config 
_chem_comp_bond.pdbx_ordinal 
ALA N   CA   sing N N 1   
ALA N   H    sing N N 2   
ALA N   H2   sing N N 3   
ALA CA  C    sing N N 4   
ALA CA  CB   sing N N 5   
ALA CA  HA   sing N N 6   
ALA C   O    doub N N 7   
ALA C   OXT  sing N N 8   
ALA CB  HB1  sing N N 9   
ALA CB  HB2  sing N N 10  
ALA CB  HB3  sing N N 11  
ALA OXT HXT  sing N N 12  
ARG N   CA   sing N N 13  
ARG N   H    sing N N 14  
ARG N   H2   sing N N 15  
ARG CA  C    sing N N 16  
ARG CA  CB   sing N N 17  
ARG CA  HA   sing N N 18  
ARG C   O    doub N N 19  
ARG C   OXT  sing N N 20  
ARG CB  CG   sing N N 21  
ARG CB  HB2  sing N N 22  
ARG CB  HB3  sing N N 23  
ARG CG  CD   sing N N 24  
ARG CG  HG2  sing N N 25  
ARG CG  HG3  sing N N 26  
ARG CD  NE   sing N N 27  
ARG CD  HD2  sing N N 28  
ARG CD  HD3  sing N N 29  
ARG NE  CZ   sing N N 30  
ARG NE  HE   sing N N 31  
ARG CZ  NH1  sing N N 32  
ARG CZ  NH2  doub N N 33  
ARG NH1 HH11 sing N N 34  
ARG NH1 HH12 sing N N 35  
ARG NH2 HH21 sing N N 36  
ARG NH2 HH22 sing N N 37  
ARG OXT HXT  sing N N 38  
ASN N   CA   sing N N 39  
ASN N   H    sing N N 40  
ASN N   H2   sing N N 41  
ASN CA  C    sing N N 42  
ASN CA  CB   sing N N 43  
ASN CA  HA   sing N N 44  
ASN C   O    doub N N 45  
ASN C   OXT  sing N N 46  
ASN CB  CG   sing N N 47  
ASN CB  HB2  sing N N 48  
ASN CB  HB3  sing N N 49  
ASN CG  OD1  doub N N 50  
ASN CG  ND2  sing N N 51  
ASN ND2 HD21 sing N N 52  
ASN ND2 HD22 sing N N 53  
ASN OXT HXT  sing N N 54  
ASP N   CA   sing N N 55  
ASP N   H    sing N N 56  
ASP N   H2   sing N N 57  
ASP CA  C    sing N N 58  
ASP CA  CB   sing N N 59  
ASP CA  HA   sing N N 60  
ASP C   O    doub N N 61  
ASP C   OXT  sing N N 62  
ASP CB  CG   sing N N 63  
ASP CB  HB2  sing N N 64  
ASP CB  HB3  sing N N 65  
ASP CG  OD1  doub N N 66  
ASP CG  OD2  sing N N 67  
ASP OD2 HD2  sing N N 68  
ASP OXT HXT  sing N N 69  
CYS N   CA   sing N N 70  
CYS N   H    sing N N 71  
CYS N   H2   sing N N 72  
CYS CA  C    sing N N 73  
CYS CA  CB   sing N N 74  
CYS CA  HA   sing N N 75  
CYS C   O    doub N N 76  
CYS C   OXT  sing N N 77  
CYS CB  SG   sing N N 78  
CYS CB  HB2  sing N N 79  
CYS CB  HB3  sing N N 80  
CYS SG  HG   sing N N 81  
CYS OXT HXT  sing N N 82  
GLN N   CA   sing N N 83  
GLN N   H    sing N N 84  
GLN N   H2   sing N N 85  
GLN CA  C    sing N N 86  
GLN CA  CB   sing N N 87  
GLN CA  HA   sing N N 88  
GLN C   O    doub N N 89  
GLN C   OXT  sing N N 90  
GLN CB  CG   sing N N 91  
GLN CB  HB2  sing N N 92  
GLN CB  HB3  sing N N 93  
GLN CG  CD   sing N N 94  
GLN CG  HG2  sing N N 95  
GLN CG  HG3  sing N N 96  
GLN CD  OE1  doub N N 97  
GLN CD  NE2  sing N N 98  
GLN NE2 HE21 sing N N 99  
GLN NE2 HE22 sing N N 100 
GLN OXT HXT  sing N N 101 
GLU N   CA   sing N N 102 
GLU N   H    sing N N 103 
GLU N   H2   sing N N 104 
GLU CA  C    sing N N 105 
GLU CA  CB   sing N N 106 
GLU CA  HA   sing N N 107 
GLU C   O    doub N N 108 
GLU C   OXT  sing N N 109 
GLU CB  CG   sing N N 110 
GLU CB  HB2  sing N N 111 
GLU CB  HB3  sing N N 112 
GLU CG  CD   sing N N 113 
GLU CG  HG2  sing N N 114 
GLU CG  HG3  sing N N 115 
GLU CD  OE1  doub N N 116 
GLU CD  OE2  sing N N 117 
GLU OE2 HE2  sing N N 118 
GLU OXT HXT  sing N N 119 
GLY N   CA   sing N N 120 
GLY N   H    sing N N 121 
GLY N   H2   sing N N 122 
GLY CA  C    sing N N 123 
GLY CA  HA2  sing N N 124 
GLY CA  HA3  sing N N 125 
GLY C   O    doub N N 126 
GLY C   OXT  sing N N 127 
GLY OXT HXT  sing N N 128 
HIS N   CA   sing N N 129 
HIS N   H    sing N N 130 
HIS N   H2   sing N N 131 
HIS CA  C    sing N N 132 
HIS CA  CB   sing N N 133 
HIS CA  HA   sing N N 134 
HIS C   O    doub N N 135 
HIS C   OXT  sing N N 136 
HIS CB  CG   sing N N 137 
HIS CB  HB2  sing N N 138 
HIS CB  HB3  sing N N 139 
HIS CG  ND1  sing Y N 140 
HIS CG  CD2  doub Y N 141 
HIS ND1 CE1  doub Y N 142 
HIS ND1 HD1  sing N N 143 
HIS CD2 NE2  sing Y N 144 
HIS CD2 HD2  sing N N 145 
HIS CE1 NE2  sing Y N 146 
HIS CE1 HE1  sing N N 147 
HIS NE2 HE2  sing N N 148 
HIS OXT HXT  sing N N 149 
HOH O   H1   sing N N 150 
HOH O   H2   sing N N 151 
ILE N   CA   sing N N 152 
ILE N   H    sing N N 153 
ILE N   H2   sing N N 154 
ILE CA  C    sing N N 155 
ILE CA  CB   sing N N 156 
ILE CA  HA   sing N N 157 
ILE C   O    doub N N 158 
ILE C   OXT  sing N N 159 
ILE CB  CG1  sing N N 160 
ILE CB  CG2  sing N N 161 
ILE CB  HB   sing N N 162 
ILE CG1 CD1  sing N N 163 
ILE CG1 HG12 sing N N 164 
ILE CG1 HG13 sing N N 165 
ILE CG2 HG21 sing N N 166 
ILE CG2 HG22 sing N N 167 
ILE CG2 HG23 sing N N 168 
ILE CD1 HD11 sing N N 169 
ILE CD1 HD12 sing N N 170 
ILE CD1 HD13 sing N N 171 
ILE OXT HXT  sing N N 172 
LEU N   CA   sing N N 173 
LEU N   H    sing N N 174 
LEU N   H2   sing N N 175 
LEU CA  C    sing N N 176 
LEU CA  CB   sing N N 177 
LEU CA  HA   sing N N 178 
LEU C   O    doub N N 179 
LEU C   OXT  sing N N 180 
LEU CB  CG   sing N N 181 
LEU CB  HB2  sing N N 182 
LEU CB  HB3  sing N N 183 
LEU CG  CD1  sing N N 184 
LEU CG  CD2  sing N N 185 
LEU CG  HG   sing N N 186 
LEU CD1 HD11 sing N N 187 
LEU CD1 HD12 sing N N 188 
LEU CD1 HD13 sing N N 189 
LEU CD2 HD21 sing N N 190 
LEU CD2 HD22 sing N N 191 
LEU CD2 HD23 sing N N 192 
LEU OXT HXT  sing N N 193 
LYS N   CA   sing N N 194 
LYS N   H    sing N N 195 
LYS N   H2   sing N N 196 
LYS CA  C    sing N N 197 
LYS CA  CB   sing N N 198 
LYS CA  HA   sing N N 199 
LYS C   O    doub N N 200 
LYS C   OXT  sing N N 201 
LYS CB  CG   sing N N 202 
LYS CB  HB2  sing N N 203 
LYS CB  HB3  sing N N 204 
LYS CG  CD   sing N N 205 
LYS CG  HG2  sing N N 206 
LYS CG  HG3  sing N N 207 
LYS CD  CE   sing N N 208 
LYS CD  HD2  sing N N 209 
LYS CD  HD3  sing N N 210 
LYS CE  NZ   sing N N 211 
LYS CE  HE2  sing N N 212 
LYS CE  HE3  sing N N 213 
LYS NZ  HZ1  sing N N 214 
LYS NZ  HZ2  sing N N 215 
LYS NZ  HZ3  sing N N 216 
LYS OXT HXT  sing N N 217 
MET N   CA   sing N N 218 
MET N   H    sing N N 219 
MET N   H2   sing N N 220 
MET CA  C    sing N N 221 
MET CA  CB   sing N N 222 
MET CA  HA   sing N N 223 
MET C   O    doub N N 224 
MET C   OXT  sing N N 225 
MET CB  CG   sing N N 226 
MET CB  HB2  sing N N 227 
MET CB  HB3  sing N N 228 
MET CG  SD   sing N N 229 
MET CG  HG2  sing N N 230 
MET CG  HG3  sing N N 231 
MET SD  CE   sing N N 232 
MET CE  HE1  sing N N 233 
MET CE  HE2  sing N N 234 
MET CE  HE3  sing N N 235 
MET OXT HXT  sing N N 236 
PHE N   CA   sing N N 237 
PHE N   H    sing N N 238 
PHE N   H2   sing N N 239 
PHE CA  C    sing N N 240 
PHE CA  CB   sing N N 241 
PHE CA  HA   sing N N 242 
PHE C   O    doub N N 243 
PHE C   OXT  sing N N 244 
PHE CB  CG   sing N N 245 
PHE CB  HB2  sing N N 246 
PHE CB  HB3  sing N N 247 
PHE CG  CD1  doub Y N 248 
PHE CG  CD2  sing Y N 249 
PHE CD1 CE1  sing Y N 250 
PHE CD1 HD1  sing N N 251 
PHE CD2 CE2  doub Y N 252 
PHE CD2 HD2  sing N N 253 
PHE CE1 CZ   doub Y N 254 
PHE CE1 HE1  sing N N 255 
PHE CE2 CZ   sing Y N 256 
PHE CE2 HE2  sing N N 257 
PHE CZ  HZ   sing N N 258 
PHE OXT HXT  sing N N 259 
PRO N   CA   sing N N 260 
PRO N   CD   sing N N 261 
PRO N   H    sing N N 262 
PRO CA  C    sing N N 263 
PRO CA  CB   sing N N 264 
PRO CA  HA   sing N N 265 
PRO C   O    doub N N 266 
PRO C   OXT  sing N N 267 
PRO CB  CG   sing N N 268 
PRO CB  HB2  sing N N 269 
PRO CB  HB3  sing N N 270 
PRO CG  CD   sing N N 271 
PRO CG  HG2  sing N N 272 
PRO CG  HG3  sing N N 273 
PRO CD  HD2  sing N N 274 
PRO CD  HD3  sing N N 275 
PRO OXT HXT  sing N N 276 
SER N   CA   sing N N 277 
SER N   H    sing N N 278 
SER N   H2   sing N N 279 
SER CA  C    sing N N 280 
SER CA  CB   sing N N 281 
SER CA  HA   sing N N 282 
SER C   O    doub N N 283 
SER C   OXT  sing N N 284 
SER CB  OG   sing N N 285 
SER CB  HB2  sing N N 286 
SER CB  HB3  sing N N 287 
SER OG  HG   sing N N 288 
SER OXT HXT  sing N N 289 
THR N   CA   sing N N 290 
THR N   H    sing N N 291 
THR N   H2   sing N N 292 
THR CA  C    sing N N 293 
THR CA  CB   sing N N 294 
THR CA  HA   sing N N 295 
THR C   O    doub N N 296 
THR C   OXT  sing N N 297 
THR CB  OG1  sing N N 298 
THR CB  CG2  sing N N 299 
THR CB  HB   sing N N 300 
THR OG1 HG1  sing N N 301 
THR CG2 HG21 sing N N 302 
THR CG2 HG22 sing N N 303 
THR CG2 HG23 sing N N 304 
THR OXT HXT  sing N N 305 
TRP N   CA   sing N N 306 
TRP N   H    sing N N 307 
TRP N   H2   sing N N 308 
TRP CA  C    sing N N 309 
TRP CA  CB   sing N N 310 
TRP CA  HA   sing N N 311 
TRP C   O    doub N N 312 
TRP C   OXT  sing N N 313 
TRP CB  CG   sing N N 314 
TRP CB  HB2  sing N N 315 
TRP CB  HB3  sing N N 316 
TRP CG  CD1  doub Y N 317 
TRP CG  CD2  sing Y N 318 
TRP CD1 NE1  sing Y N 319 
TRP CD1 HD1  sing N N 320 
TRP CD2 CE2  doub Y N 321 
TRP CD2 CE3  sing Y N 322 
TRP NE1 CE2  sing Y N 323 
TRP NE1 HE1  sing N N 324 
TRP CE2 CZ2  sing Y N 325 
TRP CE3 CZ3  doub Y N 326 
TRP CE3 HE3  sing N N 327 
TRP CZ2 CH2  doub Y N 328 
TRP CZ2 HZ2  sing N N 329 
TRP CZ3 CH2  sing Y N 330 
TRP CZ3 HZ3  sing N N 331 
TRP CH2 HH2  sing N N 332 
TRP OXT HXT  sing N N 333 
TYR N   CA   sing N N 334 
TYR N   H    sing N N 335 
TYR N   H2   sing N N 336 
TYR CA  C    sing N N 337 
TYR CA  CB   sing N N 338 
TYR CA  HA   sing N N 339 
TYR C   O    doub N N 340 
TYR C   OXT  sing N N 341 
TYR CB  CG   sing N N 342 
TYR CB  HB2  sing N N 343 
TYR CB  HB3  sing N N 344 
TYR CG  CD1  doub Y N 345 
TYR CG  CD2  sing Y N 346 
TYR CD1 CE1  sing Y N 347 
TYR CD1 HD1  sing N N 348 
TYR CD2 CE2  doub Y N 349 
TYR CD2 HD2  sing N N 350 
TYR CE1 CZ   doub Y N 351 
TYR CE1 HE1  sing N N 352 
TYR CE2 CZ   sing Y N 353 
TYR CE2 HE2  sing N N 354 
TYR CZ  OH   sing N N 355 
TYR OH  HH   sing N N 356 
TYR OXT HXT  sing N N 357 
VAL N   CA   sing N N 358 
VAL N   H    sing N N 359 
VAL N   H2   sing N N 360 
VAL CA  C    sing N N 361 
VAL CA  CB   sing N N 362 
VAL CA  HA   sing N N 363 
VAL C   O    doub N N 364 
VAL C   OXT  sing N N 365 
VAL CB  CG1  sing N N 366 
VAL CB  CG2  sing N N 367 
VAL CB  HB   sing N N 368 
VAL CG1 HG11 sing N N 369 
VAL CG1 HG12 sing N N 370 
VAL CG1 HG13 sing N N 371 
VAL CG2 HG21 sing N N 372 
VAL CG2 HG22 sing N N 373 
VAL CG2 HG23 sing N N 374 
VAL OXT HXT  sing N N 375 
# 
_pdbx_initial_refinement_model.id               1 
_pdbx_initial_refinement_model.entity_id_list   ? 
_pdbx_initial_refinement_model.type             'experimental model' 
_pdbx_initial_refinement_model.source_name      PDB 
_pdbx_initial_refinement_model.accession_code   5FWZ 
_pdbx_initial_refinement_model.details          'PDB ENTRY 5FWZ' 
# 
_atom_sites.entry_id                    5FX0 
_atom_sites.fract_transf_matrix[1][1]   -0.00812057 
_atom_sites.fract_transf_matrix[1][2]   0.01570590 
_atom_sites.fract_transf_matrix[1][3]   -0.00789652 
_atom_sites.fract_transf_matrix[2][1]   -0.01859242 
_atom_sites.fract_transf_matrix[2][2]   0.00409997 
_atom_sites.fract_transf_matrix[2][3]   0.00353225 
_atom_sites.fract_transf_matrix[3][1]   0.00300377 
_atom_sites.fract_transf_matrix[3][2]   0.00600050 
_atom_sites.fract_transf_matrix[3][3]   0.00884579 
_atom_sites.fract_transf_vector[1]      0.644445 
_atom_sites.fract_transf_vector[2]      -0.064303 
_atom_sites.fract_transf_vector[3]      0.142181 
# 
loop_
_atom_type.symbol 
C 
N 
O 
S 
# 
loop_
_atom_site.group_PDB 
_atom_site.id 
_atom_site.type_symbol 
_atom_site.label_atom_id 
_atom_site.label_alt_id 
_atom_site.label_comp_id 
_atom_site.label_asym_id 
_atom_site.label_entity_id 
_atom_site.label_seq_id 
_atom_site.pdbx_PDB_ins_code 
_atom_site.Cartn_x 
_atom_site.Cartn_y 
_atom_site.Cartn_z 
_atom_site.occupancy 
_atom_site.B_iso_or_equiv 
_atom_site.pdbx_formal_charge 
_atom_site.auth_seq_id 
_atom_site.auth_comp_id 
_atom_site.auth_asym_id 
_atom_site.auth_atom_id 
_atom_site.pdbx_PDB_model_num 
ATOM   1   N N   . HIS A 1 6   ? -8.350  3.326   -21.039 1.00 103.06 ? 90   HIS A N   1 
ATOM   2   C CA  . HIS A 1 6   ? -9.236  2.156   -21.370 1.00 101.92 ? 90   HIS A CA  1 
ATOM   3   C C   . HIS A 1 6   ? -8.589  0.747   -21.211 1.00 96.50  ? 90   HIS A C   1 
ATOM   4   O O   . HIS A 1 6   ? -9.190  -0.134  -20.591 1.00 95.56  ? 90   HIS A O   1 
ATOM   5   C CB  . HIS A 1 6   ? -9.904  2.343   -22.762 1.00 108.38 ? 90   HIS A CB  1 
ATOM   6   C CG  . HIS A 1 6   ? -8.949  2.437   -23.926 1.00 115.40 ? 90   HIS A CG  1 
ATOM   7   N ND1 . HIS A 1 6   ? -9.230  1.873   -25.155 1.00 111.92 ? 90   HIS A ND1 1 
ATOM   8   C CD2 . HIS A 1 6   ? -7.739  3.038   -24.063 1.00 114.73 ? 90   HIS A CD2 1 
ATOM   9   C CE1 . HIS A 1 6   ? -8.235  2.111   -25.989 1.00 108.57 ? 90   HIS A CE1 1 
ATOM   10  N NE2 . HIS A 1 6   ? -7.314  2.811   -25.350 1.00 108.82 ? 90   HIS A NE2 1 
ATOM   11  N N   . HIS A 1 7   ? -7.376  0.555   -21.744 1.00 88.47  ? 91   HIS A N   1 
ATOM   12  C CA  . HIS A 1 7   ? -6.731  -0.761  -21.882 1.00 78.39  ? 91   HIS A CA  1 
ATOM   13  C C   . HIS A 1 7   ? -5.235  -0.682  -21.541 1.00 71.62  ? 91   HIS A C   1 
ATOM   14  O O   . HIS A 1 7   ? -4.478  -0.010  -22.247 1.00 68.10  ? 91   HIS A O   1 
ATOM   15  C CB  . HIS A 1 7   ? -6.877  -1.280  -23.332 1.00 76.98  ? 91   HIS A CB  1 
ATOM   16  C CG  . HIS A 1 7   ? -8.109  -2.098  -23.575 1.00 79.23  ? 91   HIS A CG  1 
ATOM   17  N ND1 . HIS A 1 7   ? -9.168  -1.643  -24.334 1.00 83.46  ? 91   HIS A ND1 1 
ATOM   18  C CD2 . HIS A 1 7   ? -8.449  -3.346  -23.172 1.00 80.73  ? 91   HIS A CD2 1 
ATOM   19  C CE1 . HIS A 1 7   ? -10.111 -2.569  -24.378 1.00 81.92  ? 91   HIS A CE1 1 
ATOM   20  N NE2 . HIS A 1 7   ? -9.698  -3.613  -23.682 1.00 83.48  ? 91   HIS A NE2 1 
ATOM   21  N N   . VAL A 1 8   ? -4.816  -1.390  -20.490 1.00 70.80  ? 92   VAL A N   1 
ATOM   22  C CA  . VAL A 1 8   ? -3.396  -1.458  -20.069 1.00 73.69  ? 92   VAL A CA  1 
ATOM   23  C C   . VAL A 1 8   ? -2.860  -2.900  -20.050 1.00 73.00  ? 92   VAL A C   1 
ATOM   24  O O   . VAL A 1 8   ? -3.560  -3.849  -20.446 1.00 62.39  ? 92   VAL A O   1 
ATOM   25  C CB  . VAL A 1 8   ? -3.178  -0.801  -18.670 1.00 81.16  ? 92   VAL A CB  1 
ATOM   26  C CG1 . VAL A 1 8   ? -3.777  0.604   -18.633 1.00 82.84  ? 92   VAL A CG1 1 
ATOM   27  C CG2 . VAL A 1 8   ? -3.743  -1.670  -17.537 1.00 75.73  ? 92   VAL A CG2 1 
ATOM   28  N N   . ASP A 1 9   ? -1.599  -3.029  -19.631 1.00 77.25  ? 93   ASP A N   1 
ATOM   29  C CA  . ASP A 1 9   ? -0.957  -4.316  -19.310 1.00 83.15  ? 93   ASP A CA  1 
ATOM   30  C C   . ASP A 1 9   ? -0.177  -4.176  -17.989 1.00 86.05  ? 93   ASP A C   1 
ATOM   31  O O   . ASP A 1 9   ? -0.239  -3.121  -17.346 1.00 81.11  ? 93   ASP A O   1 
ATOM   32  C CB  . ASP A 1 9   ? -0.053  -4.812  -20.477 1.00 87.40  ? 93   ASP A CB  1 
ATOM   33  C CG  . ASP A 1 9   ? 1.027   -3.783  -20.932 1.00 81.31  ? 93   ASP A CG  1 
ATOM   34  O OD1 . ASP A 1 9   ? 1.526   -2.987  -20.112 1.00 82.57  ? 93   ASP A OD1 1 
ATOM   35  O OD2 . ASP A 1 9   ? 1.391   -3.790  -22.132 1.00 69.56  ? 93   ASP A OD2 1 
ATOM   36  N N   . ASP A 1 10  ? 0.549   -5.225  -17.596 1.00 90.70  ? 94   ASP A N   1 
ATOM   37  C CA  . ASP A 1 10  ? 1.399   -5.191  -16.393 1.00 102.18 ? 94   ASP A CA  1 
ATOM   38  C C   . ASP A 1 10  ? 2.549   -4.135  -16.358 1.00 100.82 ? 94   ASP A C   1 
ATOM   39  O O   . ASP A 1 10  ? 3.144   -3.938  -15.297 1.00 100.89 ? 94   ASP A O   1 
ATOM   40  C CB  . ASP A 1 10  ? 1.946   -6.602  -16.065 1.00 112.52 ? 94   ASP A CB  1 
ATOM   41  C CG  . ASP A 1 10  ? 2.890   -7.152  -17.143 1.00 127.14 ? 94   ASP A CG  1 
ATOM   42  O OD1 . ASP A 1 10  ? 2.697   -6.826  -18.335 1.00 134.56 ? 94   ASP A OD1 1 
ATOM   43  O OD2 . ASP A 1 10  ? 3.813   -7.927  -16.797 1.00 135.00 ? 94   ASP A OD2 1 
ATOM   44  N N   . ASP A 1 11  ? 2.855   -3.461  -17.474 1.00 98.79  ? 95   ASP A N   1 
ATOM   45  C CA  . ASP A 1 11  ? 3.804   -2.322  -17.467 1.00 99.84  ? 95   ASP A CA  1 
ATOM   46  C C   . ASP A 1 11  ? 3.151   -0.963  -17.123 1.00 90.33  ? 95   ASP A C   1 
ATOM   47  O O   . ASP A 1 11  ? 3.588   -0.309  -16.176 1.00 88.28  ? 95   ASP A O   1 
ATOM   48  C CB  . ASP A 1 11  ? 4.545   -2.229  -18.808 1.00 104.96 ? 95   ASP A CB  1 
ATOM   49  C CG  . ASP A 1 11  ? 5.641   -1.149  -18.828 1.00 107.97 ? 95   ASP A CG  1 
ATOM   50  O OD1 . ASP A 1 11  ? 6.239   -0.834  -17.772 1.00 112.38 ? 95   ASP A OD1 1 
ATOM   51  O OD2 . ASP A 1 11  ? 5.921   -0.628  -19.931 1.00 103.33 ? 95   ASP A OD2 1 
ATOM   52  N N   . ASP A 1 12  ? 2.130   -0.540  -17.876 1.00 83.16  ? 96   ASP A N   1 
ATOM   53  C CA  . ASP A 1 12  ? 1.460   0.760   -17.611 1.00 85.40  ? 96   ASP A CA  1 
ATOM   54  C C   . ASP A 1 12  ? 0.104   0.639   -16.861 1.00 81.78  ? 96   ASP A C   1 
ATOM   55  O O   . ASP A 1 12  ? -0.813  1.442   -17.057 1.00 81.98  ? 96   ASP A O   1 
ATOM   56  C CB  . ASP A 1 12  ? 1.337   1.592   -18.901 1.00 88.91  ? 96   ASP A CB  1 
ATOM   57  C CG  . ASP A 1 12  ? 0.337   1.013   -19.903 1.00 93.50  ? 96   ASP A CG  1 
ATOM   58  O OD1 . ASP A 1 12  ? 0.382   -0.208  -20.183 1.00 91.44  ? 96   ASP A OD1 1 
ATOM   59  O OD2 . ASP A 1 12  ? -0.492  1.801   -20.414 1.00 97.50  ? 96   ASP A OD2 1 
ATOM   60  N N   . LYS A 1 13  ? -0.001  -0.354  -15.981 1.00 76.90  ? 97   LYS A N   1 
ATOM   61  C CA  . LYS A 1 13  ? -1.167  -0.508  -15.105 1.00 71.79  ? 97   LYS A CA  1 
ATOM   62  C C   . LYS A 1 13  ? -1.291  0.645   -14.082 1.00 69.85  ? 97   LYS A C   1 
ATOM   63  O O   . LYS A 1 13  ? -0.292  1.242   -13.676 1.00 68.96  ? 97   LYS A O   1 
ATOM   64  C CB  . LYS A 1 13  ? -1.174  -1.879  -14.410 1.00 71.05  ? 97   LYS A CB  1 
ATOM   65  C CG  . LYS A 1 13  ? 0.106   -2.288  -13.697 1.00 69.95  ? 97   LYS A CG  1 
ATOM   66  C CD  . LYS A 1 13  ? -0.164  -3.463  -12.771 1.00 75.45  ? 97   LYS A CD  1 
ATOM   67  C CE  . LYS A 1 13  ? 1.108   -4.007  -12.122 1.00 79.85  ? 97   LYS A CE  1 
ATOM   68  N NZ  . LYS A 1 13  ? 1.825   -5.059  -12.906 1.00 82.03  ? 97   LYS A NZ  1 
ATOM   69  N N   . MET A 1 14  ? -2.530  0.931   -13.682 1.00 66.36  ? 98   MET A N   1 
ATOM   70  C CA  . MET A 1 14  ? -2.891  2.098   -12.860 1.00 63.86  ? 98   MET A CA  1 
ATOM   71  C C   . MET A 1 14  ? -3.113  1.724   -11.388 1.00 58.13  ? 98   MET A C   1 
ATOM   72  O O   . MET A 1 14  ? -3.438  0.597   -11.066 1.00 56.72  ? 98   MET A O   1 
ATOM   73  C CB  . MET A 1 14  ? -4.185  2.704   -13.388 1.00 72.30  ? 98   MET A CB  1 
ATOM   74  C CG  . MET A 1 14  ? -4.259  2.855   -14.908 1.00 85.46  ? 98   MET A CG  1 
ATOM   75  S SD  . MET A 1 14  ? -3.830  4.500   -15.513 1.00 98.15  ? 98   MET A SD  1 
ATOM   76  C CE  . MET A 1 14  ? -5.383  5.376   -15.276 1.00 95.37  ? 98   MET A CE  1 
ATOM   77  N N   . ILE A 1 15  ? -2.960  2.697   -10.501 1.00 54.65  ? 99   ILE A N   1 
ATOM   78  C CA  . ILE A 1 15  ? -3.259  2.532   -9.091  1.00 48.74  ? 99   ILE A CA  1 
ATOM   79  C C   . ILE A 1 15  ? -4.734  2.751   -8.919  1.00 48.99  ? 99   ILE A C   1 
ATOM   80  O O   . ILE A 1 15  ? -5.236  3.784   -9.345  1.00 54.31  ? 99   ILE A O   1 
ATOM   81  C CB  . ILE A 1 15  ? -2.498  3.571   -8.246  1.00 50.59  ? 99   ILE A CB  1 
ATOM   82  C CG1 . ILE A 1 15  ? -1.014  3.222   -8.202  1.00 53.32  ? 99   ILE A CG1 1 
ATOM   83  C CG2 . ILE A 1 15  ? -3.077  3.702   -6.831  1.00 48.93  ? 99   ILE A CG2 1 
ATOM   84  C CD1 . ILE A 1 15  ? -0.674  2.080   -7.254  1.00 55.14  ? 99   ILE A CD1 1 
ATOM   85  N N   . GLU A 1 16  ? -5.412  1.815   -8.266  1.00 44.36  ? 100  GLU A N   1 
ATOM   86  C CA  . GLU A 1 16  ? -6.847  1.918   -8.007  1.00 46.20  ? 100  GLU A CA  1 
ATOM   87  C C   . GLU A 1 16  ? -7.119  2.020   -6.496  1.00 44.24  ? 100  GLU A C   1 
ATOM   88  O O   . GLU A 1 16  ? -6.851  1.085   -5.739  1.00 41.73  ? 100  GLU A O   1 
ATOM   89  C CB  . GLU A 1 16  ? -7.540  0.701   -8.593  1.00 50.56  ? 100  GLU A CB  1 
ATOM   90  C CG  . GLU A 1 16  ? -9.067  0.654   -8.464  1.00 60.42  ? 100  GLU A CG  1 
ATOM   91  C CD  . GLU A 1 16  ? -9.612  -0.790  -8.488  1.00 71.48  ? 100  GLU A CD  1 
ATOM   92  O OE1 . GLU A 1 16  ? -9.185  -1.604  -9.357  1.00 66.84  ? 100  GLU A OE1 1 
ATOM   93  O OE2 . GLU A 1 16  ? -10.461 -1.121  -7.626  1.00 75.40  ? 100  GLU A OE2 1 
ATOM   94  N N   . MET A 1 17  ? -7.668  3.152   -6.064  1.00 44.08  ? 101  MET A N   1 
ATOM   95  C CA  . MET A 1 17  ? -7.967  3.382   -4.659  1.00 46.47  ? 101  MET A CA  1 
ATOM   96  C C   . MET A 1 17  ? -9.151  2.540   -4.284  1.00 42.29  ? 101  MET A C   1 
ATOM   97  O O   . MET A 1 17  ? -10.074 2.439   -5.064  1.00 44.68  ? 101  MET A O   1 
ATOM   98  C CB  . MET A 1 17  ? -8.301  4.857   -4.389  1.00 54.86  ? 101  MET A CB  1 
ATOM   99  C CG  . MET A 1 17  ? -8.330  5.249   -2.903  1.00 57.05  ? 101  MET A CG  1 
ATOM   100 S SD  . MET A 1 17  ? -6.759  5.029   -2.017  1.00 69.48  ? 101  MET A SD  1 
ATOM   101 C CE  . MET A 1 17  ? -5.518  5.656   -3.168  1.00 61.61  ? 101  MET A CE  1 
ATOM   102 N N   . ILE A 1 18  ? -9.088  1.927   -3.105  1.00 41.80  ? 102  ILE A N   1 
ATOM   103 C CA  . ILE A 1 18  ? -10.188 1.148   -2.510  1.00 38.81  ? 102  ILE A CA  1 
ATOM   104 C C   . ILE A 1 18  ? -10.835 1.983   -1.392  1.00 38.34  ? 102  ILE A C   1 
ATOM   105 O O   . ILE A 1 18  ? -12.009 2.314   -1.477  1.00 44.57  ? 102  ILE A O   1 
ATOM   106 C CB  . ILE A 1 18  ? -9.680  -0.219  -1.980  1.00 37.65  ? 102  ILE A CB  1 
ATOM   107 C CG1 . ILE A 1 18  ? -9.152  -1.062  -3.145  1.00 38.64  ? 102  ILE A CG1 1 
ATOM   108 C CG2 . ILE A 1 18  ? -10.799 -0.971  -1.281  1.00 36.61  ? 102  ILE A CG2 1 
ATOM   109 C CD1 . ILE A 1 18  ? -8.390  -2.319  -2.748  1.00 40.42  ? 102  ILE A CD1 1 
ATOM   110 N N   . ALA A 1 19  ? -10.039 2.351   -0.388  1.00 36.18  ? 103  ALA A N   1 
ATOM   111 C CA  . ALA A 1 19  ? -10.460 3.150   0.757   1.00 38.69  ? 103  ALA A CA  1 
ATOM   112 C C   . ALA A 1 19  ? -9.264  3.810   1.391   1.00 40.49  ? 103  ALA A C   1 
ATOM   113 O O   . ALA A 1 19  ? -8.193  3.190   1.525   1.00 39.38  ? 103  ALA A O   1 
ATOM   114 C CB  . ALA A 1 19  ? -11.160 2.302   1.822   1.00 36.12  ? 103  ALA A CB  1 
ATOM   115 N N   . THR A 1 20  ? -9.464  5.053   1.824   1.00 40.08  ? 104  THR A N   1 
ATOM   116 C CA  . THR A 1 20  ? -8.428  5.782   2.534   1.00 40.62  ? 104  THR A CA  1 
ATOM   117 C C   . THR A 1 20  ? -8.996  6.816   3.492   1.00 39.80  ? 104  THR A C   1 
ATOM   118 O O   . THR A 1 20  ? -10.093 7.347   3.283   1.00 40.03  ? 104  THR A O   1 
ATOM   119 C CB  . THR A 1 20  ? -7.422  6.430   1.526   1.00 41.24  ? 104  THR A CB  1 
ATOM   120 O OG1 . THR A 1 20  ? -6.286  6.953   2.223   1.00 40.98  ? 104  THR A OG1 1 
ATOM   121 C CG2 . THR A 1 20  ? -8.046  7.514   0.732   1.00 40.70  ? 104  THR A CG2 1 
ATOM   122 N N   . THR A 1 21  ? -8.241  7.087   4.554   1.00 40.99  ? 105  THR A N   1 
ATOM   123 C CA  . THR A 1 21  ? -8.486  8.251   5.399   1.00 42.10  ? 105  THR A CA  1 
ATOM   124 C C   . THR A 1 21  ? -7.354  9.259   5.318   1.00 42.82  ? 105  THR A C   1 
ATOM   125 O O   . THR A 1 21  ? -7.330  10.171  6.103   1.00 47.09  ? 105  THR A O   1 
ATOM   126 C CB  . THR A 1 21  ? -8.722  7.869   6.876   1.00 41.90  ? 105  THR A CB  1 
ATOM   127 O OG1 . THR A 1 21  ? -7.552  7.248   7.405   1.00 43.10  ? 105  THR A OG1 1 
ATOM   128 C CG2 . THR A 1 21  ? -9.912  6.934   7.012   1.00 37.38  ? 105  THR A CG2 1 
ATOM   129 N N   . MET A 1 22  ? -6.447  9.127   4.354   1.00 43.68  ? 106  MET A N   1 
ATOM   130 C CA  . MET A 1 22  ? -5.283  10.011  4.273   1.00 45.77  ? 106  MET A CA  1 
ATOM   131 C C   . MET A 1 22  ? -5.533  11.184  3.350   1.00 44.06  ? 106  MET A C   1 
ATOM   132 O O   . MET A 1 22  ? -6.390  11.140  2.466   1.00 44.18  ? 106  MET A O   1 
ATOM   133 C CB  . MET A 1 22  ? -4.044  9.259   3.790   1.00 47.90  ? 106  MET A CB  1 
ATOM   134 C CG  . MET A 1 22  ? -3.660  8.091   4.674   1.00 55.55  ? 106  MET A CG  1 
ATOM   135 S SD  . MET A 1 22  ? -2.119  7.322   4.120   1.00 63.84  ? 106  MET A SD  1 
ATOM   136 C CE  . MET A 1 22  ? -0.953  8.444   4.901   1.00 67.29  ? 106  MET A CE  1 
ATOM   137 N N   . SER A 1 23  ? -4.741  12.229  3.548   1.00 43.59  ? 107  SER A N   1 
ATOM   138 C CA  . SER A 1 23  ? -4.847  13.429  2.740   1.00 46.09  ? 107  SER A CA  1 
ATOM   139 C C   . SER A 1 23  ? -4.444  13.075  1.342   1.00 46.83  ? 107  SER A C   1 
ATOM   140 O O   . SER A 1 23  ? -3.649  12.157  1.156   1.00 47.72  ? 107  SER A O   1 
ATOM   141 C CB  . SER A 1 23  ? -3.915  14.517  3.271   1.00 45.36  ? 107  SER A CB  1 
ATOM   142 O OG  . SER A 1 23  ? -2.549  14.146  3.154   1.00 43.12  ? 107  SER A OG  1 
ATOM   143 N N   . VAL A 1 24  ? -4.968  13.815  0.373   1.00 47.97  ? 108  VAL A N   1 
ATOM   144 C CA  . VAL A 1 24  ? -4.594  13.630  -1.020  1.00 51.05  ? 108  VAL A CA  1 
ATOM   145 C C   . VAL A 1 24  ? -3.080  13.576  -1.257  1.00 51.49  ? 108  VAL A C   1 
ATOM   146 O O   . VAL A 1 24  ? -2.617  12.649  -1.907  1.00 54.98  ? 108  VAL A O   1 
ATOM   147 C CB  . VAL A 1 24  ? -5.224  14.694  -1.939  1.00 53.61  ? 108  VAL A CB  1 
ATOM   148 C CG1 . VAL A 1 24  ? -4.537  14.722  -3.302  1.00 54.03  ? 108  VAL A CG1 1 
ATOM   149 C CG2 . VAL A 1 24  ? -6.711  14.421  -2.092  1.00 53.11  ? 108  VAL A CG2 1 
ATOM   150 N N   . PRO A 1 25  ? -2.313  14.558  -0.754  1.00 52.87  ? 109  PRO A N   1 
ATOM   151 C CA  . PRO A 1 25  ? -0.858  14.501  -1.030  1.00 52.24  ? 109  PRO A CA  1 
ATOM   152 C C   . PRO A 1 25  ? -0.158  13.257  -0.472  1.00 49.99  ? 109  PRO A C   1 
ATOM   153 O O   . PRO A 1 25  ? 0.797   12.785  -1.075  1.00 52.62  ? 109  PRO A O   1 
ATOM   154 C CB  . PRO A 1 25  ? -0.299  15.776  -0.356  1.00 49.45  ? 109  PRO A CB  1 
ATOM   155 C CG  . PRO A 1 25  ? -1.475  16.651  -0.147  1.00 52.01  ? 109  PRO A CG  1 
ATOM   156 C CD  . PRO A 1 25  ? -2.668  15.749  0.036   1.00 53.99  ? 109  PRO A CD  1 
ATOM   157 N N   . ARG A 1 26  ? -0.617  12.733  0.660   1.00 48.65  ? 110  ARG A N   1 
ATOM   158 C CA  . ARG A 1 26  ? -0.043  11.502  1.190   1.00 49.59  ? 110  ARG A CA  1 
ATOM   159 C C   . ARG A 1 26  ? -0.440  10.275  0.391   1.00 46.23  ? 110  ARG A C   1 
ATOM   160 O O   . ARG A 1 26  ? 0.389   9.397   0.183   1.00 49.68  ? 110  ARG A O   1 
ATOM   161 C CB  . ARG A 1 26  ? -0.416  11.309  2.633   1.00 53.93  ? 110  ARG A CB  1 
ATOM   162 C CG  . ARG A 1 26  ? 0.245   12.324  3.527   1.00 63.00  ? 110  ARG A CG  1 
ATOM   163 C CD  . ARG A 1 26  ? 0.029   11.936  4.971   1.00 67.61  ? 110  ARG A CD  1 
ATOM   164 N NE  . ARG A 1 26  ? 0.358   13.021  5.867   1.00 69.63  ? 110  ARG A NE  1 
ATOM   165 C CZ  . ARG A 1 26  ? 0.295   12.942  7.189   1.00 76.28  ? 110  ARG A CZ  1 
ATOM   166 N NH1 . ARG A 1 26  ? -0.063  11.811  7.790   1.00 78.55  ? 110  ARG A NH1 1 
ATOM   167 N NH2 . ARG A 1 26  ? 0.616   14.005  7.915   1.00 88.24  ? 110  ARG A NH2 1 
ATOM   168 N N   . GLN A 1 27  ? -1.693  10.214  -0.046  1.00 40.89  ? 111  GLN A N   1 
ATOM   169 C CA  . GLN A 1 27  ? -2.140  9.141   -0.938  1.00 42.25  ? 111  GLN A CA  1 
ATOM   170 C C   . GLN A 1 27  ? -1.224  9.044   -2.138  1.00 41.67  ? 111  GLN A C   1 
ATOM   171 O O   . GLN A 1 27  ? -0.835  7.955   -2.505  1.00 44.36  ? 111  GLN A O   1 
ATOM   172 C CB  . GLN A 1 27  ? -3.573  9.347   -1.458  1.00 41.27  ? 111  GLN A CB  1 
ATOM   173 C CG  . GLN A 1 27  ? -4.676  9.363   -0.407  1.00 43.20  ? 111  GLN A CG  1 
ATOM   174 C CD  . GLN A 1 27  ? -6.000  9.844   -0.981  1.00 41.51  ? 111  GLN A CD  1 
ATOM   175 O OE1 . GLN A 1 27  ? -6.428  9.398   -2.045  1.00 41.71  ? 111  GLN A OE1 1 
ATOM   176 N NE2 . GLN A 1 27  ? -6.661  10.723  -0.266  1.00 38.34  ? 111  GLN A NE2 1 
ATOM   177 N N   . VAL A 1 28  ? -0.895  10.179  -2.752  1.00 44.96  ? 112  VAL A N   1 
ATOM   178 C CA  . VAL A 1 28  ? -0.021  10.201  -3.923  1.00 48.51  ? 112  VAL A CA  1 
ATOM   179 C C   . VAL A 1 28  ? 1.380   9.676   -3.558  1.00 48.16  ? 112  VAL A C   1 
ATOM   180 O O   . VAL A 1 28  ? 1.882   8.820   -4.247  1.00 47.88  ? 112  VAL A O   1 
ATOM   181 C CB  . VAL A 1 28  ? 0.045   11.613  -4.589  1.00 52.50  ? 112  VAL A CB  1 
ATOM   182 C CG1 . VAL A 1 28  ? 1.112   11.676  -5.695  1.00 51.84  ? 112  VAL A CG1 1 
ATOM   183 C CG2 . VAL A 1 28  ? -1.315  11.994  -5.176  1.00 53.10  ? 112  VAL A CG2 1 
ATOM   184 N N   . GLU A 1 29  ? 1.984   10.161  -2.474  1.00 49.05  ? 113  GLU A N   1 
ATOM   185 C CA  . GLU A 1 29  ? 3.331   9.695   -2.062  1.00 51.53  ? 113  GLU A CA  1 
ATOM   186 C C   . GLU A 1 29  ? 3.382   8.201   -1.783  1.00 51.56  ? 113  GLU A C   1 
ATOM   187 O O   . GLU A 1 29  ? 4.280   7.503   -2.252  1.00 53.83  ? 113  GLU A O   1 
ATOM   188 C CB  . GLU A 1 29  ? 3.801   10.390  -0.792  1.00 56.94  ? 113  GLU A CB  1 
ATOM   189 C CG  . GLU A 1 29  ? 4.153   11.849  -0.951  1.00 65.54  ? 113  GLU A CG  1 
ATOM   190 C CD  . GLU A 1 29  ? 4.691   12.461  0.333   1.00 74.22  ? 113  GLU A CD  1 
ATOM   191 O OE1 . GLU A 1 29  ? 4.156   12.160  1.433   1.00 76.53  ? 113  GLU A OE1 1 
ATOM   192 O OE2 . GLU A 1 29  ? 5.652   13.262  0.235   1.00 81.90  ? 113  GLU A OE2 1 
ATOM   193 N N   . VAL A 1 30  ? 2.418   7.725   -1.005  1.00 46.27  ? 114  VAL A N   1 
ATOM   194 C CA  . VAL A 1 30  ? 2.350   6.328   -0.623  1.00 42.75  ? 114  VAL A CA  1 
ATOM   195 C C   . VAL A 1 30  ? 2.165   5.426   -1.845  1.00 43.60  ? 114  VAL A C   1 
ATOM   196 O O   . VAL A 1 30  ? 2.861   4.408   -1.973  1.00 39.74  ? 114  VAL A O   1 
ATOM   197 C CB  . VAL A 1 30  ? 1.218   6.088   0.392   1.00 46.32  ? 114  VAL A CB  1 
ATOM   198 C CG1 . VAL A 1 30  ? 0.968   4.611   0.630   1.00 45.82  ? 114  VAL A CG1 1 
ATOM   199 C CG2 . VAL A 1 30  ? 1.555   6.766   1.712   1.00 50.38  ? 114  VAL A CG2 1 
ATOM   200 N N   . THR A 1 31  ? 1.246   5.785   -2.745  1.00 42.86  ? 115  THR A N   1 
ATOM   201 C CA  . THR A 1 31  ? 1.010   4.951   -3.929  1.00 42.81  ? 115  THR A CA  1 
ATOM   202 C C   . THR A 1 31  ? 2.183   4.987   -4.937  1.00 43.67  ? 115  THR A C   1 
ATOM   203 O O   . THR A 1 31  ? 2.548   3.952   -5.455  1.00 47.36  ? 115  THR A O   1 
ATOM   204 C CB  . THR A 1 31  ? -0.317  5.274   -4.625  1.00 40.27  ? 115  THR A CB  1 
ATOM   205 O OG1 . THR A 1 31  ? -0.345  6.645   -4.970  1.00 40.19  ? 115  THR A OG1 1 
ATOM   206 C CG2 . THR A 1 31  ? -1.509  4.960   -3.735  1.00 41.60  ? 115  THR A CG2 1 
ATOM   207 N N   . GLU A 1 32  ? 2.809   6.139   -5.168  1.00 45.30  ? 116  GLU A N   1 
ATOM   208 C CA  . GLU A 1 32  ? 3.998   6.191   -6.058  1.00 49.80  ? 116  GLU A CA  1 
ATOM   209 C C   . GLU A 1 32  ? 5.164   5.354   -5.506  1.00 48.50  ? 116  GLU A C   1 
ATOM   210 O O   . GLU A 1 32  ? 5.813   4.613   -6.247  1.00 48.87  ? 116  GLU A O   1 
ATOM   211 C CB  . GLU A 1 32  ? 4.481   7.619   -6.307  1.00 55.09  ? 116  GLU A CB  1 
ATOM   212 C CG  . GLU A 1 32  ? 3.458   8.585   -6.912  1.00 65.58  ? 116  GLU A CG  1 
ATOM   213 C CD  . GLU A 1 32  ? 3.044   8.293   -8.347  1.00 77.91  ? 116  GLU A CD  1 
ATOM   214 O OE1 . GLU A 1 32  ? 3.554   7.338   -8.984  1.00 83.57  ? 116  GLU A OE1 1 
ATOM   215 O OE2 . GLU A 1 32  ? 2.181   9.057   -8.846  1.00 91.92  ? 116  GLU A OE2 1 
ATOM   216 N N   . LYS A 1 33  ? 5.390   5.448   -4.197  1.00 48.07  ? 117  LYS A N   1 
ATOM   217 C CA  . LYS A 1 33  ? 6.345   4.578   -3.501  1.00 51.70  ? 117  LYS A CA  1 
ATOM   218 C C   . LYS A 1 33  ? 6.045   3.089   -3.700  1.00 49.98  ? 117  LYS A C   1 
ATOM   219 O O   . LYS A 1 33  ? 6.946   2.309   -4.037  1.00 48.30  ? 117  LYS A O   1 
ATOM   220 C CB  . LYS A 1 33  ? 6.404   4.906   -1.999  1.00 53.75  ? 117  LYS A CB  1 
ATOM   221 C CG  . LYS A 1 33  ? 7.472   4.151   -1.224  1.00 56.36  ? 117  LYS A CG  1 
ATOM   222 C CD  . LYS A 1 33  ? 8.853   4.694   -1.530  1.00 65.29  ? 117  LYS A CD  1 
ATOM   223 C CE  . LYS A 1 33  ? 9.978   3.800   -1.007  1.00 69.62  ? 117  LYS A CE  1 
ATOM   224 N NZ  . LYS A 1 33  ? 11.164  3.887   -1.912  1.00 70.33  ? 117  LYS A NZ  1 
ATOM   225 N N   . PHE A 1 34  ? 4.792   2.686   -3.513  1.00 48.26  ? 118  PHE A N   1 
ATOM   226 C CA  . PHE A 1 34  ? 4.449   1.286   -3.744  1.00 47.65  ? 118  PHE A CA  1 
ATOM   227 C C   . PHE A 1 34  ? 4.754   0.848   -5.187  1.00 50.67  ? 118  PHE A C   1 
ATOM   228 O O   . PHE A 1 34  ? 5.262   -0.250  -5.411  1.00 47.50  ? 118  PHE A O   1 
ATOM   229 C CB  . PHE A 1 34  ? 2.993   1.020   -3.436  1.00 43.67  ? 118  PHE A CB  1 
ATOM   230 C CG  . PHE A 1 34  ? 2.635   -0.433  -3.428  1.00 40.23  ? 118  PHE A CG  1 
ATOM   231 C CD1 . PHE A 1 34  ? 2.921   -1.213  -2.334  1.00 44.03  ? 118  PHE A CD1 1 
ATOM   232 C CD2 . PHE A 1 34  ? 2.030   -1.020  -4.516  1.00 43.99  ? 118  PHE A CD2 1 
ATOM   233 C CE1 . PHE A 1 34  ? 2.589   -2.555  -2.302  1.00 43.45  ? 118  PHE A CE1 1 
ATOM   234 C CE2 . PHE A 1 34  ? 1.677   -2.364  -4.489  1.00 44.15  ? 118  PHE A CE2 1 
ATOM   235 C CZ  . PHE A 1 34  ? 1.955   -3.129  -3.378  1.00 43.45  ? 118  PHE A CZ  1 
ATOM   236 N N   . LYS A 1 35  ? 4.396   1.706   -6.137  1.00 52.08  ? 119  LYS A N   1 
ATOM   237 C CA  . LYS A 1 35  ? 4.653   1.502   -7.570  1.00 55.86  ? 119  LYS A CA  1 
ATOM   238 C C   . LYS A 1 35  ? 6.146   1.209   -7.823  1.00 56.50  ? 119  LYS A C   1 
ATOM   239 O O   . LYS A 1 35  ? 6.489   0.251   -8.501  1.00 50.36  ? 119  LYS A O   1 
ATOM   240 C CB  . LYS A 1 35  ? 4.225   2.755   -8.343  1.00 59.25  ? 119  LYS A CB  1 
ATOM   241 C CG  . LYS A 1 35  ? 3.710   2.551   -9.749  1.00 71.35  ? 119  LYS A CG  1 
ATOM   242 C CD  . LYS A 1 35  ? 3.140   3.867   -10.295 1.00 79.62  ? 119  LYS A CD  1 
ATOM   243 C CE  . LYS A 1 35  ? 2.587   3.738   -11.708 1.00 82.84  ? 119  LYS A CE  1 
ATOM   244 N NZ  . LYS A 1 35  ? 3.662   3.705   -12.736 1.00 82.60  ? 119  LYS A NZ  1 
ATOM   245 N N   . SER A 1 36  ? 7.022   2.032   -7.259  1.00 58.21  ? 120  SER A N   1 
ATOM   246 C CA  . SER A 1 36  ? 8.459   1.910   -7.538  1.00 61.51  ? 120  SER A CA  1 
ATOM   247 C C   . SER A 1 36  ? 9.045   0.705   -6.816  1.00 61.42  ? 120  SER A C   1 
ATOM   248 O O   . SER A 1 36  ? 9.932   0.039   -7.355  1.00 67.04  ? 120  SER A O   1 
ATOM   249 C CB  . SER A 1 36  ? 9.227   3.182   -7.156  1.00 63.26  ? 120  SER A CB  1 
ATOM   250 O OG  . SER A 1 36  ? 9.739   3.093   -5.840  1.00 67.49  ? 120  SER A OG  1 
ATOM   251 N N   . LEU A 1 37  ? 8.550   0.422   -5.608  1.00 56.98  ? 121  LEU A N   1 
ATOM   252 C CA  . LEU A 1 37  ? 9.015   -0.739  -4.862  1.00 53.35  ? 121  LEU A CA  1 
ATOM   253 C C   . LEU A 1 37  ? 8.659   -2.049  -5.544  1.00 54.61  ? 121  LEU A C   1 
ATOM   254 O O   . LEU A 1 37  ? 9.496   -2.963  -5.593  1.00 53.70  ? 121  LEU A O   1 
ATOM   255 C CB  . LEU A 1 37  ? 8.499   -0.739  -3.428  1.00 52.21  ? 121  LEU A CB  1 
ATOM   256 C CG  . LEU A 1 37  ? 9.053   0.319   -2.474  1.00 52.09  ? 121  LEU A CG  1 
ATOM   257 C CD1 . LEU A 1 37  ? 8.358   0.167   -1.137  1.00 48.98  ? 121  LEU A CD1 1 
ATOM   258 C CD2 . LEU A 1 37  ? 10.562  0.180   -2.305  1.00 54.09  ? 121  LEU A CD2 1 
ATOM   259 N N   . VAL A 1 38  ? 7.442   -2.141  -6.082  1.00 52.27  ? 122  VAL A N   1 
ATOM   260 C CA  . VAL A 1 38  ? 6.979   -3.379  -6.726  1.00 52.34  ? 122  VAL A CA  1 
ATOM   261 C C   . VAL A 1 38  ? 7.667   -3.565  -8.077  1.00 53.56  ? 122  VAL A C   1 
ATOM   262 O O   . VAL A 1 38  ? 7.985   -4.675  -8.460  1.00 55.36  ? 122  VAL A O   1 
ATOM   263 C CB  . VAL A 1 38  ? 5.442   -3.405  -6.899  1.00 52.42  ? 122  VAL A CB  1 
ATOM   264 C CG1 . VAL A 1 38  ? 4.982   -4.650  -7.627  1.00 51.48  ? 122  VAL A CG1 1 
ATOM   265 C CG2 . VAL A 1 38  ? 4.741   -3.365  -5.551  1.00 56.17  ? 122  VAL A CG2 1 
ATOM   266 N N   . THR A 1 39  ? 7.876   -2.463  -8.784  1.00 57.58  ? 123  THR A N   1 
ATOM   267 C CA  . THR A 1 39  ? 8.485   -2.469  -10.091 1.00 59.70  ? 123  THR A CA  1 
ATOM   268 C C   . THR A 1 39  ? 9.942   -2.878  -10.002 1.00 62.07  ? 123  THR A C   1 
ATOM   269 O O   . THR A 1 39  ? 10.360  -3.762  -10.730 1.00 64.43  ? 123  THR A O   1 
ATOM   270 C CB  . THR A 1 39  ? 8.331   -1.098  -10.756 1.00 64.21  ? 123  THR A CB  1 
ATOM   271 O OG1 . THR A 1 39  ? 6.935   -0.836  -10.922 1.00 68.49  ? 123  THR A OG1 1 
ATOM   272 C CG2 . THR A 1 39  ? 9.007   -1.064  -12.127 1.00 71.65  ? 123  THR A CG2 1 
ATOM   273 N N   . ALA A 1 40  ? 10.702  -2.259  -9.104  1.00 64.89  ? 124  ALA A N   1 
ATOM   274 C CA  . ALA A 1 40  ? 12.080  -2.685  -8.826  1.00 68.59  ? 124  ALA A CA  1 
ATOM   275 C C   . ALA A 1 40  ? 12.198  -4.216  -8.671  1.00 77.23  ? 124  ALA A C   1 
ATOM   276 O O   . ALA A 1 40  ? 13.004  -4.853  -9.351  1.00 75.39  ? 124  ALA A O   1 
ATOM   277 C CB  . ALA A 1 40  ? 12.629  -1.972  -7.593  1.00 64.56  ? 124  ALA A CB  1 
ATOM   278 N N   . HIS A 1 41  ? 11.335  -4.808  -7.847  1.00 84.88  ? 125  HIS A N   1 
ATOM   279 C CA  . HIS A 1 41  ? 11.387  -6.249  -7.568  1.00 88.73  ? 125  HIS A CA  1 
ATOM   280 C C   . HIS A 1 41  ? 10.736  -7.104  -8.691  1.00 87.48  ? 125  HIS A C   1 
ATOM   281 O O   . HIS A 1 41  ? 10.490  -8.287  -8.487  1.00 88.75  ? 125  HIS A O   1 
ATOM   282 C CB  . HIS A 1 41  ? 10.702  -6.560  -6.213  1.00 94.63  ? 125  HIS A CB  1 
ATOM   283 C CG  . HIS A 1 41  ? 11.317  -5.881  -5.014  1.00 101.50 ? 125  HIS A CG  1 
ATOM   284 N ND1 . HIS A 1 41  ? 11.360  -6.476  -3.769  1.00 108.09 ? 125  HIS A ND1 1 
ATOM   285 C CD2 . HIS A 1 41  ? 11.882  -4.659  -4.857  1.00 108.23 ? 125  HIS A CD2 1 
ATOM   286 C CE1 . HIS A 1 41  ? 11.924  -5.655  -2.901  1.00 107.65 ? 125  HIS A CE1 1 
ATOM   287 N NE2 . HIS A 1 41  ? 12.247  -4.544  -3.535  1.00 109.87 ? 125  HIS A NE2 1 
ATOM   288 N N   . ASN A 1 42  ? 10.454  -6.513  -9.858  1.00 91.63  ? 126  ASN A N   1 
ATOM   289 C CA  . ASN A 1 42  ? 9.750   -7.174  -10.983 1.00 96.40  ? 126  ASN A CA  1 
ATOM   290 C C   . ASN A 1 42  ? 8.343   -7.739  -10.700 1.00 91.70  ? 126  ASN A C   1 
ATOM   291 O O   . ASN A 1 42  ? 7.843   -8.550  -11.471 1.00 95.11  ? 126  ASN A O   1 
ATOM   292 C CB  . ASN A 1 42  ? 10.629  -8.280  -11.614 1.00 99.82  ? 126  ASN A CB  1 
ATOM   293 C CG  . ASN A 1 42  ? 11.937  -7.760  -12.183 1.00 98.34  ? 126  ASN A CG  1 
ATOM   294 O OD1 . ASN A 1 42  ? 12.900  -8.511  -12.306 1.00 100.87 ? 126  ASN A OD1 1 
ATOM   295 N ND2 . ASN A 1 42  ? 11.972  -6.487  -12.556 1.00 101.49 ? 126  ASN A ND2 1 
ATOM   296 N N   . GLY A 1 43  ? 7.693   -7.300  -9.627  1.00 91.07  ? 127  GLY A N   1 
ATOM   297 C CA  . GLY A 1 43  ? 6.400   -7.865  -9.228  1.00 87.67  ? 127  GLY A CA  1 
ATOM   298 C C   . GLY A 1 43  ? 6.389   -9.307  -8.727  1.00 89.86  ? 127  GLY A C   1 
ATOM   299 O O   . GLY A 1 43  ? 5.318   -9.908  -8.642  1.00 88.01  ? 127  GLY A O   1 
ATOM   300 N N   . LYS A 1 44  ? 7.551   -9.862  -8.369  1.00 89.08  ? 128  LYS A N   1 
ATOM   301 C CA  . LYS A 1 44  ? 7.646   -11.268 -7.945  1.00 91.71  ? 128  LYS A CA  1 
ATOM   302 C C   . LYS A 1 44  ? 6.886   -11.461 -6.636  1.00 89.07  ? 128  LYS A C   1 
ATOM   303 O O   . LYS A 1 44  ? 6.884   -10.571 -5.789  1.00 92.95  ? 128  LYS A O   1 
ATOM   304 C CB  . LYS A 1 44  ? 9.103   -11.695 -7.707  1.00 93.83  ? 128  LYS A CB  1 
ATOM   305 C CG  . LYS A 1 44  ? 10.080  -11.571 -8.869  1.00 99.71  ? 128  LYS A CG  1 
ATOM   306 C CD  . LYS A 1 44  ? 11.503  -11.931 -8.421  1.00 103.72 ? 128  LYS A CD  1 
ATOM   307 C CE  . LYS A 1 44  ? 12.577  -11.081 -9.092  1.00 110.39 ? 128  LYS A CE  1 
ATOM   308 N NZ  . LYS A 1 44  ? 12.670  -11.275 -10.568 1.00 114.15 ? 128  LYS A NZ  1 
ATOM   309 N N   . ASP A 1 45  ? 6.281   -12.630 -6.450  1.00 88.25  ? 129  ASP A N   1 
ATOM   310 C CA  . ASP A 1 45  ? 5.516   -12.914 -5.222  1.00 88.15  ? 129  ASP A CA  1 
ATOM   311 C C   . ASP A 1 45  ? 6.375   -13.216 -3.977  1.00 86.79  ? 129  ASP A C   1 
ATOM   312 O O   . ASP A 1 45  ? 6.085   -12.703 -2.891  1.00 83.23  ? 129  ASP A O   1 
ATOM   313 C CB  . ASP A 1 45  ? 4.469   -14.010 -5.469  1.00 86.20  ? 129  ASP A CB  1 
ATOM   314 C CG  . ASP A 1 45  ? 3.181   -13.458 -6.082  1.00 88.81  ? 129  ASP A CG  1 
ATOM   315 O OD1 . ASP A 1 45  ? 3.205   -12.371 -6.719  1.00 85.15  ? 129  ASP A OD1 1 
ATOM   316 O OD2 . ASP A 1 45  ? 2.133   -14.113 -5.910  1.00 88.52  ? 129  ASP A OD2 1 
ATOM   317 N N   . GLU A 1 46  ? 7.444   -13.995 -4.137  1.00 81.76  ? 130  GLU A N   1 
ATOM   318 C CA  . GLU A 1 46  ? 8.421   -14.191 -3.054  1.00 82.33  ? 130  GLU A CA  1 
ATOM   319 C C   . GLU A 1 46  ? 9.249   -12.942 -2.692  1.00 80.95  ? 130  GLU A C   1 
ATOM   320 O O   . GLU A 1 46  ? 10.090  -12.997 -1.792  1.00 87.21  ? 130  GLU A O   1 
ATOM   321 C CB  . GLU A 1 46  ? 9.379   -15.327 -3.401  1.00 93.10  ? 130  GLU A CB  1 
ATOM   322 C CG  . GLU A 1 46  ? 8.719   -16.693 -3.461  1.00 101.49 ? 130  GLU A CG  1 
ATOM   323 C CD  . GLU A 1 46  ? 9.600   -17.791 -2.886  1.00 108.09 ? 130  GLU A CD  1 
ATOM   324 O OE1 . GLU A 1 46  ? 10.757  -17.928 -3.341  1.00 110.82 ? 130  GLU A OE1 1 
ATOM   325 O OE2 . GLU A 1 46  ? 9.136   -18.513 -1.975  1.00 111.71 ? 130  GLU A OE2 1 
ATOM   326 N N   . GLU A 1 47  ? 9.036   -11.841 -3.407  1.00 73.84  ? 131  GLU A N   1 
ATOM   327 C CA  . GLU A 1 47  ? 9.605   -10.541 -3.059  1.00 72.68  ? 131  GLU A CA  1 
ATOM   328 C C   . GLU A 1 47  ? 8.680   -9.637  -2.221  1.00 66.52  ? 131  GLU A C   1 
ATOM   329 O O   . GLU A 1 47  ? 9.107   -8.559  -1.778  1.00 59.66  ? 131  GLU A O   1 
ATOM   330 C CB  . GLU A 1 47  ? 9.998   -9.807  -4.357  1.00 80.19  ? 131  GLU A CB  1 
ATOM   331 C CG  . GLU A 1 47  ? 11.312  -10.279 -4.965  1.00 83.38  ? 131  GLU A CG  1 
ATOM   332 C CD  . GLU A 1 47  ? 12.490  -10.117 -4.017  1.00 89.77  ? 131  GLU A CD  1 
ATOM   333 O OE1 . GLU A 1 47  ? 12.516  -9.132  -3.244  1.00 96.14  ? 131  GLU A OE1 1 
ATOM   334 O OE2 . GLU A 1 47  ? 13.389  -10.983 -4.033  1.00 98.22  ? 131  GLU A OE2 1 
ATOM   335 N N   . MET A 1 48  ? 7.437   -10.066 -1.980  1.00 58.95  ? 132  MET A N   1 
ATOM   336 C CA  . MET A 1 48  ? 6.419   -9.152  -1.449  1.00 57.52  ? 132  MET A CA  1 
ATOM   337 C C   . MET A 1 48  ? 6.580   -8.854  0.045   1.00 52.78  ? 132  MET A C   1 
ATOM   338 O O   . MET A 1 48  ? 6.348   -7.716  0.486   1.00 47.80  ? 132  MET A O   1 
ATOM   339 C CB  . MET A 1 48  ? 5.006   -9.639  -1.797  1.00 58.78  ? 132  MET A CB  1 
ATOM   340 C CG  . MET A 1 48  ? 4.611   -9.438  -3.249  1.00 59.00  ? 132  MET A CG  1 
ATOM   341 S SD  . MET A 1 48  ? 4.562   -7.710  -3.803  1.00 62.68  ? 132  MET A SD  1 
ATOM   342 C CE  . MET A 1 48  ? 6.079   -7.625  -4.754  1.00 64.52  ? 132  MET A CE  1 
ATOM   343 N N   . LYS A 1 49  ? 7.019   -9.845  0.814   1.00 55.45  ? 133  LYS A N   1 
ATOM   344 C CA  . LYS A 1 49  ? 7.446   -9.595  2.202   1.00 59.33  ? 133  LYS A CA  1 
ATOM   345 C C   . LYS A 1 49  ? 8.447   -8.432  2.300   1.00 56.23  ? 133  LYS A C   1 
ATOM   346 O O   . LYS A 1 49  ? 8.349   -7.620  3.228   1.00 49.61  ? 133  LYS A O   1 
ATOM   347 C CB  . LYS A 1 49  ? 8.037   -10.852 2.867   1.00 67.73  ? 133  LYS A CB  1 
ATOM   348 C CG  . LYS A 1 49  ? 7.070   -11.590 3.774   1.00 76.04  ? 133  LYS A CG  1 
ATOM   349 C CD  . LYS A 1 49  ? 7.749   -12.774 4.453   1.00 83.17  ? 133  LYS A CD  1 
ATOM   350 C CE  . LYS A 1 49  ? 6.726   -13.625 5.197   1.00 90.30  ? 133  LYS A CE  1 
ATOM   351 N NZ  . LYS A 1 49  ? 7.316   -14.863 5.778   1.00 93.55  ? 133  LYS A NZ  1 
ATOM   352 N N   . ASP A 1 50  ? 9.379   -8.335  1.346   1.00 54.91  ? 134  ASP A N   1 
ATOM   353 C CA  . ASP A 1 50  ? 10.357  -7.226  1.348   1.00 61.65  ? 134  ASP A CA  1 
ATOM   354 C C   . ASP A 1 50  ? 9.687   -5.908  1.000   1.00 54.50  ? 134  ASP A C   1 
ATOM   355 O O   . ASP A 1 50  ? 9.958   -4.883  1.628   1.00 52.71  ? 134  ASP A O   1 
ATOM   356 C CB  . ASP A 1 50  ? 11.516  -7.475  0.371   1.00 71.73  ? 134  ASP A CB  1 
ATOM   357 C CG  . ASP A 1 50  ? 12.269  -8.776  0.664   1.00 83.74  ? 134  ASP A CG  1 
ATOM   358 O OD1 . ASP A 1 50  ? 12.433  -9.109  1.861   1.00 92.00  ? 134  ASP A OD1 1 
ATOM   359 O OD2 . ASP A 1 50  ? 12.682  -9.467  -0.302  1.00 86.57  ? 134  ASP A OD2 1 
ATOM   360 N N   . VAL A 1 51  ? 8.804   -5.939  0.003   1.00 53.73  ? 135  VAL A N   1 
ATOM   361 C CA  . VAL A 1 51  ? 7.999   -4.758  -0.338  1.00 52.51  ? 135  VAL A CA  1 
ATOM   362 C C   . VAL A 1 51  ? 7.165   -4.318  0.872   1.00 48.10  ? 135  VAL A C   1 
ATOM   363 O O   . VAL A 1 51  ? 7.151   -3.130  1.189   1.00 47.01  ? 135  VAL A O   1 
ATOM   364 C CB  . VAL A 1 51  ? 7.100   -4.994  -1.565  1.00 55.70  ? 135  VAL A CB  1 
ATOM   365 C CG1 . VAL A 1 51  ? 6.191   -3.788  -1.799  1.00 56.08  ? 135  VAL A CG1 1 
ATOM   366 C CG2 . VAL A 1 51  ? 7.960   -5.310  -2.802  1.00 52.90  ? 135  VAL A CG2 1 
ATOM   367 N N   . ALA A 1 52  ? 6.535   -5.264  1.573   1.00 43.20  ? 136  ALA A N   1 
ATOM   368 C CA  . ALA A 1 52  ? 5.738   -4.919  2.757   1.00 48.75  ? 136  ALA A CA  1 
ATOM   369 C C   . ALA A 1 52  ? 6.600   -4.258  3.846   1.00 52.31  ? 136  ALA A C   1 
ATOM   370 O O   . ALA A 1 52  ? 6.166   -3.312  4.526   1.00 51.20  ? 136  ALA A O   1 
ATOM   371 C CB  . ALA A 1 52  ? 5.020   -6.141  3.305   1.00 48.52  ? 136  ALA A CB  1 
ATOM   372 N N   . GLN A 1 53  ? 7.833   -4.739  3.965   1.00 56.28  ? 137  GLN A N   1 
ATOM   373 C CA  . GLN A 1 53  ? 8.796   -4.213  4.939   1.00 59.75  ? 137  GLN A CA  1 
ATOM   374 C C   . GLN A 1 53  ? 9.228   -2.795  4.607   1.00 55.61  ? 137  GLN A C   1 
ATOM   375 O O   . GLN A 1 53  ? 9.159   -1.921  5.464   1.00 59.26  ? 137  GLN A O   1 
ATOM   376 C CB  . GLN A 1 53  ? 10.023  -5.120  5.029   1.00 63.04  ? 137  GLN A CB  1 
ATOM   377 C CG  . GLN A 1 53  ? 10.899  -4.862  6.247   1.00 69.54  ? 137  GLN A CG  1 
ATOM   378 C CD  . GLN A 1 53  ? 12.252  -5.547  6.156   1.00 74.14  ? 137  GLN A CD  1 
ATOM   379 O OE1 . GLN A 1 53  ? 13.222  -5.087  6.746   1.00 80.41  ? 137  GLN A OE1 1 
ATOM   380 N NE2 . GLN A 1 53  ? 12.324  -6.645  5.409   1.00 79.25  ? 137  GLN A NE2 1 
ATOM   381 N N   . ASP A 1 54  ? 9.660   -2.571  3.373   1.00 52.25  ? 138  ASP A N   1 
ATOM   382 C CA  . ASP A 1 54  ? 10.037  -1.214  2.911   1.00 53.59  ? 138  ASP A CA  1 
ATOM   383 C C   . ASP A 1 54  ? 8.897   -0.186  2.917   1.00 54.14  ? 138  ASP A C   1 
ATOM   384 O O   . ASP A 1 54  ? 9.110   0.985   3.241   1.00 52.82  ? 138  ASP A O   1 
ATOM   385 C CB  . ASP A 1 54  ? 10.680  -1.273  1.524   1.00 56.10  ? 138  ASP A CB  1 
ATOM   386 C CG  . ASP A 1 54  ? 11.941  -2.148  1.500   1.00 65.19  ? 138  ASP A CG  1 
ATOM   387 O OD1 . ASP A 1 54  ? 12.616  -2.271  2.558   1.00 66.18  ? 138  ASP A OD1 1 
ATOM   388 O OD2 . ASP A 1 54  ? 12.237  -2.732  0.426   1.00 72.47  ? 138  ASP A OD2 1 
ATOM   389 N N   . MET A 1 55  ? 7.689   -0.615  2.584   1.00 53.31  ? 139  MET A N   1 
ATOM   390 C CA  . MET A 1 55  ? 6.548   0.263   2.770   1.00 54.48  ? 139  MET A CA  1 
ATOM   391 C C   . MET A 1 55  ? 6.436   0.698   4.236   1.00 52.78  ? 139  MET A C   1 
ATOM   392 O O   . MET A 1 55  ? 6.321   1.889   4.521   1.00 57.85  ? 139  MET A O   1 
ATOM   393 C CB  . MET A 1 55  ? 5.238   -0.387  2.308   1.00 51.59  ? 139  MET A CB  1 
ATOM   394 C CG  . MET A 1 55  ? 5.034   -0.374  0.821   1.00 54.23  ? 139  MET A CG  1 
ATOM   395 S SD  . MET A 1 55  ? 4.889   1.251   0.060   1.00 64.26  ? 139  MET A SD  1 
ATOM   396 C CE  . MET A 1 55  ? 3.486   1.947   0.933   1.00 61.50  ? 139  MET A CE  1 
ATOM   397 N N   . LYS A 1 56  ? 6.463   -0.263  5.150   1.00 54.43  ? 140  LYS A N   1 
ATOM   398 C CA  . LYS A 1 56  ? 6.319   0.037   6.583   1.00 54.52  ? 140  LYS A CA  1 
ATOM   399 C C   . LYS A 1 56  ? 7.418   0.975   7.106   1.00 50.65  ? 140  LYS A C   1 
ATOM   400 O O   . LYS A 1 56  ? 7.127   1.871   7.880   1.00 48.20  ? 140  LYS A O   1 
ATOM   401 C CB  . LYS A 1 56  ? 6.190   -1.245  7.430   1.00 55.55  ? 140  LYS A CB  1 
ATOM   402 C CG  . LYS A 1 56  ? 7.195   -1.355  8.567   1.00 64.86  ? 140  LYS A CG  1 
ATOM   403 C CD  . LYS A 1 56  ? 6.598   -1.931  9.828   1.00 68.24  ? 140  LYS A CD  1 
ATOM   404 C CE  . LYS A 1 56  ? 7.414   -1.539  11.054  1.00 67.81  ? 140  LYS A CE  1 
ATOM   405 N NZ  . LYS A 1 56  ? 6.544   -0.874  12.065  1.00 67.69  ? 140  LYS A NZ  1 
ATOM   406 N N   . ASN A 1 57  ? 8.658   0.750   6.684   1.00 53.31  ? 141  ASN A N   1 
ATOM   407 C CA  . ASN A 1 57  ? 9.804   1.602   7.058   1.00 55.67  ? 141  ASN A CA  1 
ATOM   408 C C   . ASN A 1 57  ? 9.717   3.013   6.469   1.00 58.91  ? 141  ASN A C   1 
ATOM   409 O O   . ASN A 1 57  ? 9.928   3.985   7.192   1.00 64.71  ? 141  ASN A O   1 
ATOM   410 C CB  . ASN A 1 57  ? 11.135  0.954   6.642   1.00 56.22  ? 141  ASN A CB  1 
ATOM   411 C CG  . ASN A 1 57  ? 11.429  -0.349  7.395   1.00 54.96  ? 141  ASN A CG  1 
ATOM   412 O OD1 . ASN A 1 57  ? 10.822  -0.645  8.411   1.00 53.89  ? 141  ASN A OD1 1 
ATOM   413 N ND2 . ASN A 1 57  ? 12.353  -1.134  6.873   1.00 59.20  ? 141  ASN A ND2 1 
ATOM   414 N N   . TYR A 1 58  ? 9.390   3.122   5.178   1.00 56.06  ? 142  TYR A N   1 
ATOM   415 C CA  . TYR A 1 58  ? 9.208   4.431   4.518   1.00 57.61  ? 142  TYR A CA  1 
ATOM   416 C C   . TYR A 1 58  ? 8.172   5.296   5.242   1.00 60.75  ? 142  TYR A C   1 
ATOM   417 O O   . TYR A 1 58  ? 8.372   6.490   5.451   1.00 61.54  ? 142  TYR A O   1 
ATOM   418 C CB  . TYR A 1 58  ? 8.816   4.243   3.045   1.00 58.56  ? 142  TYR A CB  1 
ATOM   419 C CG  . TYR A 1 58  ? 8.336   5.488   2.319   1.00 64.14  ? 142  TYR A CG  1 
ATOM   420 C CD1 . TYR A 1 58  ? 9.244   6.380   1.719   1.00 62.96  ? 142  TYR A CD1 1 
ATOM   421 C CD2 . TYR A 1 58  ? 6.964   5.761   2.192   1.00 61.34  ? 142  TYR A CD2 1 
ATOM   422 C CE1 . TYR A 1 58  ? 8.792   7.505   1.037   1.00 64.38  ? 142  TYR A CE1 1 
ATOM   423 C CE2 . TYR A 1 58  ? 6.507   6.885   1.523   1.00 60.65  ? 142  TYR A CE2 1 
ATOM   424 C CZ  . TYR A 1 58  ? 7.416   7.746   0.937   1.00 66.60  ? 142  TYR A CZ  1 
ATOM   425 O OH  . TYR A 1 58  ? 6.937   8.855   0.277   1.00 74.72  ? 142  TYR A OH  1 
ATOM   426 N N   . MET A 1 59  ? 7.081   4.670   5.663   1.00 60.50  ? 143  MET A N   1 
ATOM   427 C CA  . MET A 1 59  ? 6.012   5.392   6.303   1.00 57.33  ? 143  MET A CA  1 
ATOM   428 C C   . MET A 1 59  ? 6.257   5.708   7.758   1.00 55.18  ? 143  MET A C   1 
ATOM   429 O O   . MET A 1 59  ? 5.793   6.729   8.235   1.00 58.37  ? 143  MET A O   1 
ATOM   430 C CB  . MET A 1 59  ? 4.729   4.617   6.134   1.00 59.50  ? 143  MET A CB  1 
ATOM   431 C CG  . MET A 1 59  ? 4.385   4.526   4.661   1.00 64.16  ? 143  MET A CG  1 
ATOM   432 S SD  . MET A 1 59  ? 2.642   4.276   4.441   1.00 74.28  ? 143  MET A SD  1 
ATOM   433 C CE  . MET A 1 59  ? 2.507   2.588   5.019   1.00 67.08  ? 143  MET A CE  1 
ATOM   434 N N   . ASP A 1 60  ? 6.934   4.816   8.465   1.00 55.83  ? 144  ASP A N   1 
ATOM   435 C CA  . ASP A 1 60  ? 7.408   5.095   9.825   1.00 61.83  ? 144  ASP A CA  1 
ATOM   436 C C   . ASP A 1 60  ? 8.292   6.372   9.796   1.00 60.15  ? 144  ASP A C   1 
ATOM   437 O O   . ASP A 1 60  ? 8.032   7.335   10.508  1.00 61.98  ? 144  ASP A O   1 
ATOM   438 C CB  . ASP A 1 60  ? 8.191   3.877   10.414  1.00 54.67  ? 144  ASP A CB  1 
ATOM   439 C CG  . ASP A 1 60  ? 7.275   2.741   10.965  1.00 56.19  ? 144  ASP A CG  1 
ATOM   440 O OD1 . ASP A 1 60  ? 6.060   2.915   11.175  1.00 60.33  ? 144  ASP A OD1 1 
ATOM   441 O OD2 . ASP A 1 60  ? 7.785   1.636   11.215  1.00 57.35  ? 144  ASP A OD2 1 
ATOM   442 N N   . GLU A 1 61  ? 9.291   6.368   8.923   1.00 67.65  ? 145  GLU A N   1 
ATOM   443 C CA  . GLU A 1 61  ? 10.228  7.490   8.766   1.00 73.58  ? 145  GLU A CA  1 
ATOM   444 C C   . GLU A 1 61  ? 9.570   8.800   8.315   1.00 78.69  ? 145  GLU A C   1 
ATOM   445 O O   . GLU A 1 61  ? 9.924   9.870   8.808   1.00 82.55  ? 145  GLU A O   1 
ATOM   446 C CB  . GLU A 1 61  ? 11.338  7.119   7.776   1.00 78.69  ? 145  GLU A CB  1 
ATOM   447 C CG  . GLU A 1 61  ? 12.286  6.028   8.270   1.00 82.61  ? 145  GLU A CG  1 
ATOM   448 C CD  . GLU A 1 61  ? 12.998  5.302   7.136   1.00 93.92  ? 145  GLU A CD  1 
ATOM   449 O OE1 . GLU A 1 61  ? 13.157  5.886   6.040   1.00 101.10 ? 145  GLU A OE1 1 
ATOM   450 O OE2 . GLU A 1 61  ? 13.400  4.133   7.340   1.00 98.83  ? 145  GLU A OE2 1 
ATOM   451 N N   . LYS A 1 62  ? 8.612   8.704   7.392   1.00 79.53  ? 146  LYS A N   1 
ATOM   452 C CA  . LYS A 1 62  ? 7.988   9.873   6.774   1.00 72.57  ? 146  LYS A CA  1 
ATOM   453 C C   . LYS A 1 62  ? 6.722   10.394  7.475   1.00 67.92  ? 146  LYS A C   1 
ATOM   454 O O   . LYS A 1 62  ? 6.423   11.575  7.356   1.00 61.41  ? 146  LYS A O   1 
ATOM   455 C CB  . LYS A 1 62  ? 7.675   9.563   5.311   1.00 75.64  ? 146  LYS A CB  1 
ATOM   456 C CG  . LYS A 1 62  ? 7.395   10.797  4.479   1.00 80.48  ? 146  LYS A CG  1 
ATOM   457 C CD  . LYS A 1 62  ? 7.497   10.512  2.995   1.00 82.72  ? 146  LYS A CD  1 
ATOM   458 C CE  . LYS A 1 62  ? 7.444   11.804  2.198   1.00 80.74  ? 146  LYS A CE  1 
ATOM   459 N NZ  . LYS A 1 62  ? 8.628   12.678  2.422   1.00 79.79  ? 146  LYS A NZ  1 
ATOM   460 N N   . TYR A 1 63  ? 5.973   9.529   8.171   1.00 63.52  ? 147  TYR A N   1 
ATOM   461 C CA  . TYR A 1 63  ? 4.759   9.948   8.900   1.00 59.47  ? 147  TYR A CA  1 
ATOM   462 C C   . TYR A 1 63  ? 4.753   9.555   10.376  1.00 59.99  ? 147  TYR A C   1 
ATOM   463 O O   . TYR A 1 63  ? 3.718   9.674   11.045  1.00 61.66  ? 147  TYR A O   1 
ATOM   464 C CB  . TYR A 1 63  ? 3.477   9.400   8.228   1.00 62.27  ? 147  TYR A CB  1 
ATOM   465 C CG  . TYR A 1 63  ? 3.448   9.588   6.723   1.00 64.75  ? 147  TYR A CG  1 
ATOM   466 C CD1 . TYR A 1 63  ? 3.480   10.862  6.154   1.00 62.31  ? 147  TYR A CD1 1 
ATOM   467 C CD2 . TYR A 1 63  ? 3.421   8.484   5.868   1.00 61.91  ? 147  TYR A CD2 1 
ATOM   468 C CE1 . TYR A 1 63  ? 3.491   11.029  4.772   1.00 62.60  ? 147  TYR A CE1 1 
ATOM   469 C CE2 . TYR A 1 63  ? 3.422   8.643   4.498   1.00 65.75  ? 147  TYR A CE2 1 
ATOM   470 C CZ  . TYR A 1 63  ? 3.460   9.912   3.952   1.00 63.41  ? 147  TYR A CZ  1 
ATOM   471 O OH  . TYR A 1 63  ? 3.478   10.026  2.587   1.00 64.09  ? 147  TYR A OH  1 
ATOM   472 N N   . GLY A 1 64  ? 5.878   9.089   10.904  1.00 59.59  ? 148  GLY A N   1 
ATOM   473 C CA  . GLY A 1 64  ? 5.911   8.622   12.280  1.00 63.25  ? 148  GLY A CA  1 
ATOM   474 C C   . GLY A 1 64  ? 5.323   7.243   12.469  1.00 62.66  ? 148  GLY A C   1 
ATOM   475 O O   . GLY A 1 64  ? 4.505   6.787   11.691  1.00 61.06  ? 148  GLY A O   1 
ATOM   476 N N   . ARG A 1 65  ? 5.723   6.605   13.557  1.00 63.76  ? 149  ARG A N   1 
ATOM   477 C CA  . ARG A 1 65  ? 5.446   5.191   13.807  1.00 64.81  ? 149  ARG A CA  1 
ATOM   478 C C   . ARG A 1 65  ? 4.020   5.043   14.375  1.00 62.94  ? 149  ARG A C   1 
ATOM   479 O O   . ARG A 1 65  ? 3.362   6.056   14.561  1.00 62.07  ? 149  ARG A O   1 
ATOM   480 C CB  . ARG A 1 65  ? 6.541   4.631   14.744  1.00 66.83  ? 149  ARG A CB  1 
ATOM   481 C CG  . ARG A 1 65  ? 7.965   4.837   14.192  1.00 69.85  ? 149  ARG A CG  1 
ATOM   482 C CD  . ARG A 1 65  ? 9.075   4.143   14.977  1.00 73.66  ? 149  ARG A CD  1 
ATOM   483 N NE  . ARG A 1 65  ? 8.905   2.687   14.982  1.00 78.90  ? 149  ARG A NE  1 
ATOM   484 C CZ  . ARG A 1 65  ? 8.671   1.914   16.052  1.00 83.16  ? 149  ARG A CZ  1 
ATOM   485 N NH1 . ARG A 1 65  ? 8.603   2.407   17.289  1.00 89.41  ? 149  ARG A NH1 1 
ATOM   486 N NH2 . ARG A 1 65  ? 8.518   0.602   15.886  1.00 80.37  ? 149  ARG A NH2 1 
ATOM   487 N N   . VAL A 1 66  ? 3.472   3.832   14.566  1.00 64.35  ? 150  VAL A N   1 
ATOM   488 C CA  . VAL A 1 66  ? 3.946   2.560   14.006  1.00 59.39  ? 150  VAL A CA  1 
ATOM   489 C C   . VAL A 1 66  ? 2.973   2.129   12.886  1.00 60.06  ? 150  VAL A C   1 
ATOM   490 O O   . VAL A 1 66  ? 1.760   1.987   13.123  1.00 53.35  ? 150  VAL A O   1 
ATOM   491 C CB  . VAL A 1 66  ? 3.963   1.441   15.069  1.00 59.70  ? 150  VAL A CB  1 
ATOM   492 C CG1 . VAL A 1 66  ? 4.665   0.206   14.526  1.00 58.36  ? 150  VAL A CG1 1 
ATOM   493 C CG2 . VAL A 1 66  ? 4.653   1.892   16.348  1.00 64.19  ? 150  VAL A CG2 1 
ATOM   494 N N   . TRP A 1 67  ? 3.504   1.914   11.680  1.00 59.04  ? 151  TRP A N   1 
ATOM   495 C CA  . TRP A 1 67  ? 2.700   1.396   10.558  1.00 58.94  ? 151  TRP A CA  1 
ATOM   496 C C   . TRP A 1 67  ? 2.715   -0.130  10.464  1.00 55.58  ? 151  TRP A C   1 
ATOM   497 O O   . TRP A 1 67  ? 3.660   -0.758  10.907  1.00 56.73  ? 151  TRP A O   1 
ATOM   498 C CB  . TRP A 1 67  ? 3.152   2.016   9.248   1.00 54.50  ? 151  TRP A CB  1 
ATOM   499 C CG  . TRP A 1 67  ? 2.834   3.467   9.200   1.00 55.77  ? 151  TRP A CG  1 
ATOM   500 C CD1 . TRP A 1 67  ? 3.563   4.479   9.735   1.00 57.24  ? 151  TRP A CD1 1 
ATOM   501 C CD2 . TRP A 1 67  ? 1.683   4.074   8.613   1.00 58.16  ? 151  TRP A CD2 1 
ATOM   502 N NE1 . TRP A 1 67  ? 2.952   5.684   9.506   1.00 53.48  ? 151  TRP A NE1 1 
ATOM   503 C CE2 . TRP A 1 67  ? 1.799   5.469   8.814   1.00 52.97  ? 151  TRP A CE2 1 
ATOM   504 C CE3 . TRP A 1 67  ? 0.569   3.580   7.921   1.00 54.82  ? 151  TRP A CE3 1 
ATOM   505 C CZ2 . TRP A 1 67  ? 0.854   6.374   8.345   1.00 50.61  ? 151  TRP A CZ2 1 
ATOM   506 C CZ3 . TRP A 1 67  ? -0.381  4.487   7.478   1.00 54.33  ? 151  TRP A CZ3 1 
ATOM   507 C CH2 . TRP A 1 67  ? -0.228  5.868   7.698   1.00 51.93  ? 151  TRP A CH2 1 
ATOM   508 N N   . GLN A 1 68  ? 1.607   -0.691  9.971   1.00 55.77  ? 152  GLN A N   1 
ATOM   509 C CA  . GLN A 1 68  ? 1.462   -2.097  9.551   1.00 49.78  ? 152  GLN A CA  1 
ATOM   510 C C   . GLN A 1 68  ? 1.218   -2.030  8.054   1.00 48.13  ? 152  GLN A C   1 
ATOM   511 O O   . GLN A 1 68  ? 0.532   -1.124  7.587   1.00 45.45  ? 152  GLN A O   1 
ATOM   512 C CB  . GLN A 1 68  ? 0.214   -2.779  10.128  1.00 52.34  ? 152  GLN A CB  1 
ATOM   513 C CG  . GLN A 1 68  ? -0.244  -2.366  11.512  1.00 63.72  ? 152  GLN A CG  1 
ATOM   514 C CD  . GLN A 1 68  ? 0.622   -2.947  12.589  1.00 74.45  ? 152  GLN A CD  1 
ATOM   515 O OE1 . GLN A 1 68  ? 1.686   -3.495  12.310  1.00 80.46  ? 152  GLN A OE1 1 
ATOM   516 N NE2 . GLN A 1 68  ? 0.177   -2.835  13.829  1.00 90.19  ? 152  GLN A NE2 1 
ATOM   517 N N   . CYS A 1 69  ? 1.764   -2.986  7.312   1.00 44.23  ? 153  CYS A N   1 
ATOM   518 C CA  . CYS A 1 69  ? 1.503   -3.137  5.884   1.00 46.21  ? 153  CYS A CA  1 
ATOM   519 C C   . CYS A 1 69  ? 1.228   -4.602  5.599   1.00 45.18  ? 153  CYS A C   1 
ATOM   520 O O   . CYS A 1 69  ? 1.967   -5.483  6.045   1.00 50.68  ? 153  CYS A O   1 
ATOM   521 C CB  . CYS A 1 69  ? 2.672   -2.649  5.022   1.00 48.09  ? 153  CYS A CB  1 
ATOM   522 S SG  . CYS A 1 69  ? 2.295   -2.725  3.242   1.00 58.86  ? 153  CYS A SG  1 
ATOM   523 N N   . VAL A 1 70  ? 0.143   -4.853  4.886   1.00 42.84  ? 154  VAL A N   1 
ATOM   524 C CA  . VAL A 1 70  ? -0.228  -6.173  4.429   1.00 40.79  ? 154  VAL A CA  1 
ATOM   525 C C   . VAL A 1 70  ? -0.413  -6.070  2.924   1.00 39.21  ? 154  VAL A C   1 
ATOM   526 O O   . VAL A 1 70  ? -1.064  -5.145  2.435   1.00 40.79  ? 154  VAL A O   1 
ATOM   527 C CB  . VAL A 1 70  ? -1.526  -6.666  5.107   1.00 41.26  ? 154  VAL A CB  1 
ATOM   528 C CG1 . VAL A 1 70  ? -1.999  -7.993  4.523   1.00 46.84  ? 154  VAL A CG1 1 
ATOM   529 C CG2 . VAL A 1 70  ? -1.322  -6.837  6.595   1.00 42.76  ? 154  VAL A CG2 1 
ATOM   530 N N   . ILE A 1 71  ? 0.168   -7.012  2.190   1.00 37.63  ? 155  ILE A N   1 
ATOM   531 C CA  . ILE A 1 71  ? -0.026  -7.110  0.761   1.00 37.09  ? 155  ILE A CA  1 
ATOM   532 C C   . ILE A 1 71  ? -0.727  -8.413  0.513   1.00 38.86  ? 155  ILE A C   1 
ATOM   533 O O   . ILE A 1 71  ? -0.381  -9.437  1.117   1.00 40.08  ? 155  ILE A O   1 
ATOM   534 C CB  . ILE A 1 71  ? 1.294   -7.051  -0.009  1.00 36.76  ? 155  ILE A CB  1 
ATOM   535 C CG1 . ILE A 1 71  ? 2.037   -5.764  0.331   1.00 36.84  ? 155  ILE A CG1 1 
ATOM   536 C CG2 . ILE A 1 71  ? 1.056   -7.081  -1.513  1.00 34.71  ? 155  ILE A CG2 1 
ATOM   537 C CD1 . ILE A 1 71  ? 3.399   -5.694  -0.330  1.00 37.38  ? 155  ILE A CD1 1 
ATOM   538 N N   . LEU A 1 72  ? -1.716  -8.385  -0.369  1.00 37.62  ? 156  LEU A N   1 
ATOM   539 C CA  . LEU A 1 72  ? -2.415  -9.593  -0.704  1.00 42.54  ? 156  LEU A CA  1 
ATOM   540 C C   . LEU A 1 72  ? -2.982  -9.596  -2.091  1.00 43.46  ? 156  LEU A C   1 
ATOM   541 O O   . LEU A 1 72  ? -2.941  -8.614  -2.794  1.00 46.27  ? 156  LEU A O   1 
ATOM   542 C CB  . LEU A 1 72  ? -3.512  -9.862  0.304   1.00 45.15  ? 156  LEU A CB  1 
ATOM   543 C CG  . LEU A 1 72  ? -4.618  -8.823  0.365   1.00 48.70  ? 156  LEU A CG  1 
ATOM   544 C CD1 . LEU A 1 72  ? -5.970  -9.485  0.198   1.00 50.32  ? 156  LEU A CD1 1 
ATOM   545 C CD2 . LEU A 1 72  ? -4.533  -8.103  1.695   1.00 53.19  ? 156  LEU A CD2 1 
ATOM   546 N N   . THR A 1 73  ? -3.457  -10.766 -2.476  1.00 47.87  ? 157  THR A N   1 
ATOM   547 C CA  . THR A 1 73  ? -4.253  -10.991 -3.660  1.00 49.49  ? 157  THR A CA  1 
ATOM   548 C C   . THR A 1 73  ? -5.430  -11.767 -3.107  1.00 47.84  ? 157  THR A C   1 
ATOM   549 O O   . THR A 1 73  ? -5.242  -12.706 -2.333  1.00 62.30  ? 157  THR A O   1 
ATOM   550 C CB  . THR A 1 73  ? -3.493  -11.856 -4.692  1.00 47.67  ? 157  THR A CB  1 
ATOM   551 O OG1 . THR A 1 73  ? -3.469  -13.220 -4.255  1.00 57.96  ? 157  THR A OG1 1 
ATOM   552 C CG2 . THR A 1 73  ? -2.075  -11.374 -4.819  1.00 47.85  ? 157  THR A CG2 1 
ATOM   553 N N   . GLY A 1 74  ? -6.629  -11.382 -3.481  1.00 42.99  ? 158  GLY A N   1 
ATOM   554 C CA  . GLY A 1 74  ? -7.823  -12.084 -3.052  1.00 44.13  ? 158  GLY A CA  1 
ATOM   555 C C   . GLY A 1 74  ? -8.743  -11.073 -2.439  1.00 43.51  ? 158  GLY A C   1 
ATOM   556 O O   . GLY A 1 74  ? -8.682  -9.904  -2.785  1.00 47.34  ? 158  GLY A O   1 
ATOM   557 N N   . SER A 1 75  ? -9.590  -11.532 -1.531  1.00 44.80  ? 159  SER A N   1 
ATOM   558 C CA  . SER A 1 75  ? -10.560 -10.685 -0.855  1.00 45.18  ? 159  SER A CA  1 
ATOM   559 C C   . SER A 1 75  ? -10.158 -10.592 0.611   1.00 46.31  ? 159  SER A C   1 
ATOM   560 O O   . SER A 1 75  ? -9.447  -11.464 1.147   1.00 43.04  ? 159  SER A O   1 
ATOM   561 C CB  . SER A 1 75  ? -11.948 -11.298 -0.981  1.00 51.24  ? 159  SER A CB  1 
ATOM   562 O OG  . SER A 1 75  ? -12.072 -12.038 -2.195  1.00 54.32  ? 159  SER A OG  1 
ATOM   563 N N   . TYR A 1 76  ? -10.606 -9.537  1.265   1.00 42.74  ? 160  TYR A N   1 
ATOM   564 C CA  . TYR A 1 76  ? -10.209 -9.288  2.651   1.00 46.00  ? 160  TYR A CA  1 
ATOM   565 C C   . TYR A 1 76  ? -11.312 -8.524  3.357   1.00 44.02  ? 160  TYR A C   1 
ATOM   566 O O   . TYR A 1 76  ? -12.074 -7.808  2.713   1.00 43.68  ? 160  TYR A O   1 
ATOM   567 C CB  . TYR A 1 76  ? -8.869  -8.529  2.736   1.00 41.04  ? 160  TYR A CB  1 
ATOM   568 C CG  . TYR A 1 76  ? -8.984  -7.123  2.262   1.00 41.19  ? 160  TYR A CG  1 
ATOM   569 C CD1 . TYR A 1 76  ? -8.905  -6.814  0.914   1.00 43.75  ? 160  TYR A CD1 1 
ATOM   570 C CD2 . TYR A 1 76  ? -9.269  -6.101  3.146   1.00 46.95  ? 160  TYR A CD2 1 
ATOM   571 C CE1 . TYR A 1 76  ? -9.067  -5.515  0.470   1.00 44.39  ? 160  TYR A CE1 1 
ATOM   572 C CE2 . TYR A 1 76  ? -9.434  -4.792  2.710   1.00 45.08  ? 160  TYR A CE2 1 
ATOM   573 C CZ  . TYR A 1 76  ? -9.330  -4.514  1.372   1.00 44.72  ? 160  TYR A CZ  1 
ATOM   574 O OH  . TYR A 1 76  ? -9.493  -3.222  0.948   1.00 55.38  ? 160  TYR A OH  1 
ATOM   575 N N   . TRP A 1 77  ? -11.358 -8.704  4.675   1.00 42.91  ? 161  TRP A N   1 
ATOM   576 C CA  . TRP A 1 77  ? -12.252 -8.027  5.597   1.00 43.32  ? 161  TRP A CA  1 
ATOM   577 C C   . TRP A 1 77  ? -11.386 -7.750  6.820   1.00 48.56  ? 161  TRP A C   1 
ATOM   578 O O   . TRP A 1 77  ? -10.732 -8.658  7.317   1.00 48.66  ? 161  TRP A O   1 
ATOM   579 C CB  . TRP A 1 77  ? -13.420 -8.956  5.958   1.00 45.81  ? 161  TRP A CB  1 
ATOM   580 C CG  . TRP A 1 77  ? -14.134 -9.437  4.759   1.00 48.84  ? 161  TRP A CG  1 
ATOM   581 C CD1 . TRP A 1 77  ? -15.198 -8.842  4.140   1.00 47.07  ? 161  TRP A CD1 1 
ATOM   582 C CD2 . TRP A 1 77  ? -13.799 -10.590 3.964   1.00 53.68  ? 161  TRP A CD2 1 
ATOM   583 N NE1 . TRP A 1 77  ? -15.565 -9.568  3.030   1.00 50.91  ? 161  TRP A NE1 1 
ATOM   584 C CE2 . TRP A 1 77  ? -14.724 -10.640 2.893   1.00 50.63  ? 161  TRP A CE2 1 
ATOM   585 C CE3 . TRP A 1 77  ? -12.803 -11.576 4.051   1.00 50.83  ? 161  TRP A CE3 1 
ATOM   586 C CZ2 . TRP A 1 77  ? -14.685 -11.631 1.919   1.00 50.68  ? 161  TRP A CZ2 1 
ATOM   587 C CZ3 . TRP A 1 77  ? -12.773 -12.569 3.085   1.00 52.76  ? 161  TRP A CZ3 1 
ATOM   588 C CH2 . TRP A 1 77  ? -13.714 -12.586 2.028   1.00 50.63  ? 161  TRP A CH2 1 
ATOM   589 N N   . MET A 1 78  ? -11.349 -6.515  7.305   1.00 56.81  ? 162  MET A N   1 
ATOM   590 C CA  . MET A 1 78  ? -10.427 -6.154  8.386   1.00 61.81  ? 162  MET A CA  1 
ATOM   591 C C   . MET A 1 78  ? -11.084 -5.326  9.484   1.00 69.75  ? 162  MET A C   1 
ATOM   592 O O   . MET A 1 78  ? -12.195 -4.781  9.302   1.00 70.07  ? 162  MET A O   1 
ATOM   593 C CB  . MET A 1 78  ? -9.199  -5.424  7.839   1.00 67.49  ? 162  MET A CB  1 
ATOM   594 C CG  . MET A 1 78  ? -9.453  -4.064  7.209   1.00 78.81  ? 162  MET A CG  1 
ATOM   595 S SD  . MET A 1 78  ? -7.933  -3.086  7.101   1.00 104.84 ? 162  MET A SD  1 
ATOM   596 C CE  . MET A 1 78  ? -8.588  -1.414  7.218   1.00 104.80 ? 162  MET A CE  1 
ATOM   597 N N   . HIS A 1 79  ? -10.390 -5.278  10.624  1.00 70.87  ? 163  HIS A N   1 
ATOM   598 C CA  . HIS A 1 79  ? -10.733 -4.394  11.736  1.00 78.81  ? 163  HIS A CA  1 
ATOM   599 C C   . HIS A 1 79  ? -9.511  -4.100  12.636  1.00 78.44  ? 163  HIS A C   1 
ATOM   600 O O   . HIS A 1 79  ? -8.783  -5.016  13.031  1.00 72.83  ? 163  HIS A O   1 
ATOM   601 C CB  . HIS A 1 79  ? -11.886 -4.966  12.574  1.00 81.74  ? 163  HIS A CB  1 
ATOM   602 C CG  . HIS A 1 79  ? -12.547 -3.946  13.456  1.00 87.73  ? 163  HIS A CG  1 
ATOM   603 N ND1 . HIS A 1 79  ? -13.303 -2.906  12.954  1.00 94.91  ? 163  HIS A ND1 1 
ATOM   604 C CD2 . HIS A 1 79  ? -12.556 -3.799  14.800  1.00 89.58  ? 163  HIS A CD2 1 
ATOM   605 C CE1 . HIS A 1 79  ? -13.752 -2.166  13.952  1.00 91.03  ? 163  HIS A CE1 1 
ATOM   606 N NE2 . HIS A 1 79  ? -13.316 -2.689  15.083  1.00 91.34  ? 163  HIS A NE2 1 
ATOM   607 N N   . PHE A 1 80  ? -9.284  -2.811  12.897  1.00 78.75  ? 164  PHE A N   1 
ATOM   608 C CA  . PHE A 1 80  ? -8.302  -2.316  13.871  1.00 86.38  ? 164  PHE A CA  1 
ATOM   609 C C   . PHE A 1 80  ? -8.985  -1.433  14.925  1.00 87.70  ? 164  PHE A C   1 
ATOM   610 O O   . PHE A 1 80  ? -8.811  -1.654  16.124  1.00 89.55  ? 164  PHE A O   1 
ATOM   611 C CB  . PHE A 1 80  ? -7.178  -1.544  13.156  1.00 90.52  ? 164  PHE A CB  1 
ATOM   612 C CG  . PHE A 1 80  ? -6.398  -0.588  14.050  1.00 98.61  ? 164  PHE A CG  1 
ATOM   613 C CD1 . PHE A 1 80  ? -5.949  -0.965  15.324  1.00 101.35 ? 164  PHE A CD1 1 
ATOM   614 C CD2 . PHE A 1 80  ? -6.091  0.692   13.602  1.00 101.57 ? 164  PHE A CD2 1 
ATOM   615 C CE1 . PHE A 1 80  ? -5.237  -0.079  16.123  1.00 104.89 ? 164  PHE A CE1 1 
ATOM   616 C CE2 . PHE A 1 80  ? -5.375  1.578   14.396  1.00 105.67 ? 164  PHE A CE2 1 
ATOM   617 C CZ  . PHE A 1 80  ? -4.949  1.192   15.656  1.00 107.05 ? 164  PHE A CZ  1 
ATOM   618 N N   . SER A 1 81  ? -9.728  -0.418  14.480  1.00 93.91  ? 165  SER A N   1 
ATOM   619 C CA  . SER A 1 81  ? -10.287 0.586   15.388  1.00 91.01  ? 165  SER A CA  1 
ATOM   620 C C   . SER A 1 81  ? -11.581 1.221   14.876  1.00 90.60  ? 165  SER A C   1 
ATOM   621 O O   . SER A 1 81  ? -11.775 1.397   13.667  1.00 80.34  ? 165  SER A O   1 
ATOM   622 C CB  . SER A 1 81  ? -9.252  1.689   15.639  1.00 86.43  ? 165  SER A CB  1 
ATOM   623 O OG  . SER A 1 81  ? -9.580  2.433   16.794  1.00 87.94  ? 165  SER A OG  1 
ATOM   624 N N   . HIS A 1 82  ? -12.456 1.546   15.827  1.00 92.94  ? 166  HIS A N   1 
ATOM   625 C CA  . HIS A 1 82  ? -13.596 2.427   15.599  1.00 95.65  ? 166  HIS A CA  1 
ATOM   626 C C   . HIS A 1 82  ? -13.115 3.875   15.568  1.00 94.41  ? 166  HIS A C   1 
ATOM   627 O O   . HIS A 1 82  ? -13.743 4.724   14.942  1.00 92.66  ? 166  HIS A O   1 
ATOM   628 C CB  . HIS A 1 82  ? -14.639 2.265   16.710  1.00 101.48 ? 166  HIS A CB  1 
ATOM   629 C CG  . HIS A 1 82  ? -15.169 0.871   16.848  1.00 104.35 ? 166  HIS A CG  1 
ATOM   630 N ND1 . HIS A 1 82  ? -15.896 0.247   15.857  1.00 106.71 ? 166  HIS A ND1 1 
ATOM   631 C CD2 . HIS A 1 82  ? -15.079 -0.017  17.867  1.00 105.31 ? 166  HIS A CD2 1 
ATOM   632 C CE1 . HIS A 1 82  ? -16.228 -0.967  16.257  1.00 108.16 ? 166  HIS A CE1 1 
ATOM   633 N NE2 . HIS A 1 82  ? -15.743 -1.153  17.472  1.00 108.24 ? 166  HIS A NE2 1 
ATOM   634 N N   . GLU A 1 83  ? -11.995 4.145   16.241  1.00 98.82  ? 167  GLU A N   1 
ATOM   635 C CA  . GLU A 1 83  ? -11.394 5.482   16.270  1.00 102.99 ? 167  GLU A CA  1 
ATOM   636 C C   . GLU A 1 83  ? -10.883 5.887   14.880  1.00 96.38  ? 167  GLU A C   1 
ATOM   637 O O   . GLU A 1 83  ? -10.630 5.025   14.027  1.00 95.29  ? 167  GLU A O   1 
ATOM   638 C CB  . GLU A 1 83  ? -10.204 5.553   17.251  1.00 108.30 ? 167  GLU A CB  1 
ATOM   639 C CG  . GLU A 1 83  ? -10.469 5.119   18.689  1.00 109.86 ? 167  GLU A CG  1 
ATOM   640 C CD  . GLU A 1 83  ? -11.443 6.029   19.406  1.00 118.50 ? 167  GLU A CD  1 
ATOM   641 O OE1 . GLU A 1 83  ? -11.192 7.251   19.461  1.00 130.63 ? 167  GLU A OE1 1 
ATOM   642 O OE2 . GLU A 1 83  ? -12.459 5.522   19.926  1.00 122.04 ? 167  GLU A OE2 1 
ATOM   643 N N   . PRO A 1 84  ? -10.724 7.201   14.646  1.00 86.46  ? 168  PRO A N   1 
ATOM   644 C CA  . PRO A 1 84  ? -9.959  7.593   13.460  1.00 81.39  ? 168  PRO A CA  1 
ATOM   645 C C   . PRO A 1 84  ? -8.513  7.080   13.530  1.00 72.79  ? 168  PRO A C   1 
ATOM   646 O O   . PRO A 1 84  ? -7.896  7.116   14.590  1.00 67.74  ? 168  PRO A O   1 
ATOM   647 C CB  . PRO A 1 84  ? -9.994  9.133   13.492  1.00 81.07  ? 168  PRO A CB  1 
ATOM   648 C CG  . PRO A 1 84  ? -10.420 9.500   14.875  1.00 83.25  ? 168  PRO A CG  1 
ATOM   649 C CD  . PRO A 1 84  ? -11.268 8.366   15.372  1.00 84.77  ? 168  PRO A CD  1 
ATOM   650 N N   . PHE A 1 85  ? -8.015  6.553   12.416  1.00 65.86  ? 169  PHE A N   1 
ATOM   651 C CA  . PHE A 1 85  ? -6.578  6.306   12.232  1.00 57.20  ? 169  PHE A CA  1 
ATOM   652 C C   . PHE A 1 85  ? -6.260  6.479   10.766  1.00 47.75  ? 169  PHE A C   1 
ATOM   653 O O   . PHE A 1 85  ? -7.141  6.322   9.910   1.00 49.02  ? 169  PHE A O   1 
ATOM   654 C CB  . PHE A 1 85  ? -6.174  4.901   12.709  1.00 60.02  ? 169  PHE A CB  1 
ATOM   655 C CG  . PHE A 1 85  ? -6.913  3.778   12.013  1.00 58.66  ? 169  PHE A CG  1 
ATOM   656 C CD1 . PHE A 1 85  ? -8.177  3.399   12.433  1.00 62.12  ? 169  PHE A CD1 1 
ATOM   657 C CD2 . PHE A 1 85  ? -6.340  3.099   10.942  1.00 56.91  ? 169  PHE A CD2 1 
ATOM   658 C CE1 . PHE A 1 85  ? -8.860  2.357   11.801  1.00 67.04  ? 169  PHE A CE1 1 
ATOM   659 C CE2 . PHE A 1 85  ? -7.013  2.056   10.304  1.00 60.91  ? 169  PHE A CE2 1 
ATOM   660 C CZ  . PHE A 1 85  ? -8.274  1.681   10.735  1.00 59.96  ? 169  PHE A CZ  1 
ATOM   661 N N   . LEU A 1 86  ? -5.010  6.806   10.473  1.00 47.44  ? 170  LEU A N   1 
ATOM   662 C CA  . LEU A 1 86  ? -4.553  6.871   9.088   1.00 48.69  ? 170  LEU A CA  1 
ATOM   663 C C   . LEU A 1 86  ? -4.486  5.459   8.516   1.00 49.64  ? 170  LEU A C   1 
ATOM   664 O O   . LEU A 1 86  ? -3.872  4.565   9.104   1.00 46.13  ? 170  LEU A O   1 
ATOM   665 C CB  . LEU A 1 86  ? -3.185  7.508   8.976   1.00 49.49  ? 170  LEU A CB  1 
ATOM   666 C CG  . LEU A 1 86  ? -3.066  8.950   9.440   1.00 54.55  ? 170  LEU A CG  1 
ATOM   667 C CD1 . LEU A 1 86  ? -1.611  9.380   9.318   1.00 56.31  ? 170  LEU A CD1 1 
ATOM   668 C CD2 . LEU A 1 86  ? -3.970  9.859   8.623   1.00 56.09  ? 170  LEU A CD2 1 
ATOM   669 N N   . SER A 1 87  ? -5.150  5.282   7.382   1.00 47.67  ? 171  SER A N   1 
ATOM   670 C CA  . SER A 1 87  ? -5.093  4.060   6.622   1.00 44.46  ? 171  SER A CA  1 
ATOM   671 C C   . SER A 1 87  ? -5.233  4.343   5.150   1.00 38.23  ? 171  SER A C   1 
ATOM   672 O O   . SER A 1 87  ? -5.776  5.369   4.725   1.00 37.14  ? 171  SER A O   1 
ATOM   673 C CB  . SER A 1 87  ? -6.225  3.133   7.029   1.00 45.23  ? 171  SER A CB  1 
ATOM   674 O OG  . SER A 1 87  ? -7.451  3.675   6.593   1.00 52.81  ? 171  SER A OG  1 
ATOM   675 N N   . ILE A 1 88  ? -4.772  3.381   4.378   1.00 35.57  ? 172  ILE A N   1 
ATOM   676 C CA  . ILE A 1 88  ? -4.903  3.395   2.939   1.00 35.93  ? 172  ILE A CA  1 
ATOM   677 C C   . ILE A 1 88  ? -4.989  1.944   2.470   1.00 39.33  ? 172  ILE A C   1 
ATOM   678 O O   . ILE A 1 88  ? -4.344  1.039   3.040   1.00 40.08  ? 172  ILE A O   1 
ATOM   679 C CB  . ILE A 1 88  ? -3.778  4.203   2.293   1.00 36.36  ? 172  ILE A CB  1 
ATOM   680 C CG1 . ILE A 1 88  ? -4.057  4.477   0.829   1.00 38.70  ? 172  ILE A CG1 1 
ATOM   681 C CG2 . ILE A 1 88  ? -2.408  3.552   2.464   1.00 39.33  ? 172  ILE A CG2 1 
ATOM   682 C CD1 . ILE A 1 88  ? -3.146  5.552   0.285   1.00 41.01  ? 172  ILE A CD1 1 
ATOM   683 N N   . GLN A 1 89  ? -5.860  1.736   1.492   1.00 39.46  ? 173  GLN A N   1 
ATOM   684 C CA  . GLN A 1 89  ? -6.080  0.456   0.845   1.00 39.23  ? 173  GLN A CA  1 
ATOM   685 C C   . GLN A 1 89  ? -6.158  0.758   -0.624  1.00 37.57  ? 173  GLN A C   1 
ATOM   686 O O   . GLN A 1 89  ? -6.928  1.597   -1.040  1.00 36.62  ? 173  GLN A O   1 
ATOM   687 C CB  . GLN A 1 89  ? -7.374  -0.152  1.295   1.00 38.89  ? 173  GLN A CB  1 
ATOM   688 C CG  . GLN A 1 89  ? -7.451  -0.319  2.791   1.00 46.01  ? 173  GLN A CG  1 
ATOM   689 C CD  . GLN A 1 89  ? -8.831  -0.710  3.207   1.00 51.67  ? 173  GLN A CD  1 
ATOM   690 O OE1 . GLN A 1 89  ? -9.474  -1.545  2.576   1.00 53.38  ? 173  GLN A OE1 1 
ATOM   691 N NE2 . GLN A 1 89  ? -9.316  -0.086  4.254   1.00 59.81  ? 173  GLN A NE2 1 
ATOM   692 N N   . PHE A 1 90  ? -5.326  0.105   -1.406  1.00 36.69  ? 174  PHE A N   1 
ATOM   693 C CA  . PHE A 1 90  ? -5.337  0.316   -2.834  1.00 37.62  ? 174  PHE A CA  1 
ATOM   694 C C   . PHE A 1 90  ? -4.872  -0.915  -3.577  1.00 36.21  ? 174  PHE A C   1 
ATOM   695 O O   . PHE A 1 90  ? -4.285  -1.810  -2.999  1.00 34.87  ? 174  PHE A O   1 
ATOM   696 C CB  . PHE A 1 90  ? -4.515  1.555   -3.199  1.00 37.13  ? 174  PHE A CB  1 
ATOM   697 C CG  . PHE A 1 90  ? -3.073  1.455   -2.851  1.00 36.24  ? 174  PHE A CG  1 
ATOM   698 C CD1 . PHE A 1 90  ? -2.645  1.749   -1.591  1.00 39.11  ? 174  PHE A CD1 1 
ATOM   699 C CD2 . PHE A 1 90  ? -2.137  1.080   -3.804  1.00 41.82  ? 174  PHE A CD2 1 
ATOM   700 C CE1 . PHE A 1 90  ? -1.302  1.658   -1.251  1.00 42.59  ? 174  PHE A CE1 1 
ATOM   701 C CE2 . PHE A 1 90  ? -0.788  0.977   -3.479  1.00 40.34  ? 174  PHE A CE2 1 
ATOM   702 C CZ  . PHE A 1 90  ? -0.372  1.284   -2.203  1.00 40.90  ? 174  PHE A CZ  1 
ATOM   703 N N   . ARG A 1 91  ? -5.184  -0.949  -4.854  1.00 37.50  ? 175  ARG A N   1 
ATOM   704 C CA  . ARG A 1 91  ? -4.830  -2.051  -5.724  1.00 42.11  ? 175  ARG A CA  1 
ATOM   705 C C   . ARG A 1 91  ? -3.804  -1.535  -6.738  1.00 40.83  ? 175  ARG A C   1 
ATOM   706 O O   . ARG A 1 91  ? -3.933  -0.436  -7.285  1.00 40.55  ? 175  ARG A O   1 
ATOM   707 C CB  . ARG A 1 91  ? -6.085  -2.579  -6.408  1.00 44.53  ? 175  ARG A CB  1 
ATOM   708 C CG  . ARG A 1 91  ? -5.859  -3.615  -7.511  1.00 53.51  ? 175  ARG A CG  1 
ATOM   709 C CD  . ARG A 1 91  ? -7.158  -4.237  -8.025  1.00 52.52  ? 175  ARG A CD  1 
ATOM   710 N NE  . ARG A 1 91  ? -7.743  -5.118  -7.004  1.00 63.28  ? 175  ARG A NE  1 
ATOM   711 C CZ  . ARG A 1 91  ? -8.716  -4.798  -6.134  1.00 64.39  ? 175  ARG A CZ  1 
ATOM   712 N NH1 . ARG A 1 91  ? -9.300  -3.603  -6.132  1.00 63.15  ? 175  ARG A NH1 1 
ATOM   713 N NH2 . ARG A 1 91  ? -9.114  -5.700  -5.240  1.00 65.91  ? 175  ARG A NH2 1 
ATOM   714 N N   . TYR A 1 92  ? -2.770  -2.324  -6.956  1.00 39.13  ? 176  TYR A N   1 
ATOM   715 C CA  . TYR A 1 92  ? -1.857  -2.111  -8.065  1.00 40.94  ? 176  TYR A CA  1 
ATOM   716 C C   . TYR A 1 92  ? -1.699  -3.438  -8.789  1.00 41.16  ? 176  TYR A C   1 
ATOM   717 O O   . TYR A 1 92  ? -1.053  -4.347  -8.299  1.00 42.30  ? 176  TYR A O   1 
ATOM   718 C CB  . TYR A 1 92  ? -0.530  -1.602  -7.576  1.00 41.55  ? 176  TYR A CB  1 
ATOM   719 C CG  . TYR A 1 92  ? 0.413   -1.261  -8.708  1.00 49.88  ? 176  TYR A CG  1 
ATOM   720 C CD1 . TYR A 1 92  ? 0.042   -0.357  -9.712  1.00 51.37  ? 176  TYR A CD1 1 
ATOM   721 C CD2 . TYR A 1 92  ? 1.674   -1.837  -8.782  1.00 51.39  ? 176  TYR A CD2 1 
ATOM   722 C CE1 . TYR A 1 92  ? 0.901   -0.049  -10.745 1.00 53.40  ? 176  TYR A CE1 1 
ATOM   723 C CE2 . TYR A 1 92  ? 2.536   -1.527  -9.811  1.00 54.22  ? 176  TYR A CE2 1 
ATOM   724 C CZ  . TYR A 1 92  ? 2.147   -0.643  -10.786 1.00 52.25  ? 176  TYR A CZ  1 
ATOM   725 O OH  . TYR A 1 92  ? 3.012   -0.348  -11.791 1.00 55.29  ? 176  TYR A OH  1 
ATOM   726 N N   . GLY A 1 93  ? -2.365  -3.560  -9.926  1.00 45.04  ? 177  GLY A N   1 
ATOM   727 C CA  . GLY A 1 93  ? -2.475  -4.827  -10.634 1.00 46.73  ? 177  GLY A CA  1 
ATOM   728 C C   . GLY A 1 93  ? -3.140  -5.908  -9.816  1.00 47.37  ? 177  GLY A C   1 
ATOM   729 O O   . GLY A 1 93  ? -4.282  -5.763  -9.369  1.00 52.36  ? 177  GLY A O   1 
ATOM   730 N N   . ARG A 1 94  ? -2.412  -6.991  -9.605  1.00 49.37  ? 178  ARG A N   1 
ATOM   731 C CA  . ARG A 1 94  ? -2.906  -8.121  -8.816  1.00 50.13  ? 178  ARG A CA  1 
ATOM   732 C C   . ARG A 1 94  ? -2.739  -7.955  -7.306  1.00 46.11  ? 178  ARG A C   1 
ATOM   733 O O   . ARG A 1 94  ? -3.382  -8.665  -6.524  1.00 49.96  ? 178  ARG A O   1 
ATOM   734 C CB  . ARG A 1 94  ? -2.241  -9.429  -9.281  1.00 52.19  ? 178  ARG A CB  1 
ATOM   735 C CG  . ARG A 1 94  ? -0.762  -9.610  -8.994  1.00 56.95  ? 178  ARG A CG  1 
ATOM   736 C CD  . ARG A 1 94  ? -0.329  -11.031 -9.382  1.00 62.71  ? 178  ARG A CD  1 
ATOM   737 N NE  . ARG A 1 94  ? 1.045   -11.315 -8.982  1.00 69.84  ? 178  ARG A NE  1 
ATOM   738 C CZ  . ARG A 1 94  ? 2.146   -10.863 -9.600  1.00 74.74  ? 178  ARG A CZ  1 
ATOM   739 N NH1 . ARG A 1 94  ? 2.076   -10.093 -10.691 1.00 69.81  ? 178  ARG A NH1 1 
ATOM   740 N NH2 . ARG A 1 94  ? 3.342   -11.188 -9.117  1.00 75.28  ? 178  ARG A NH2 1 
ATOM   741 N N   . HIS A 1 95  ? -1.856  -7.055  -6.901  1.00 42.42  ? 179  HIS A N   1 
ATOM   742 C CA  . HIS A 1 95  ? -1.588  -6.818  -5.492  1.00 45.73  ? 179  HIS A CA  1 
ATOM   743 C C   . HIS A 1 95  ? -2.468  -5.736  -4.877  1.00 44.98  ? 179  HIS A C   1 
ATOM   744 O O   . HIS A 1 95  ? -2.742  -4.714  -5.500  1.00 44.43  ? 179  HIS A O   1 
ATOM   745 C CB  . HIS A 1 95  ? -0.132  -6.457  -5.322  1.00 45.36  ? 179  HIS A CB  1 
ATOM   746 C CG  . HIS A 1 95  ? 0.777   -7.548  -5.760  1.00 48.38  ? 179  HIS A CG  1 
ATOM   747 N ND1 . HIS A 1 95  ? 0.775   -8.791  -5.164  1.00 52.91  ? 179  HIS A ND1 1 
ATOM   748 C CD2 . HIS A 1 95  ? 1.682   -7.607  -6.761  1.00 50.09  ? 179  HIS A CD2 1 
ATOM   749 C CE1 . HIS A 1 95  ? 1.658   -9.562  -5.763  1.00 52.68  ? 179  HIS A CE1 1 
ATOM   750 N NE2 . HIS A 1 95  ? 2.218   -8.869  -6.739  1.00 54.47  ? 179  HIS A NE2 1 
ATOM   751 N N   . ILE A 1 96  ? -2.902  -5.999  -3.648  1.00 44.04  ? 180  ILE A N   1 
ATOM   752 C CA  . ILE A 1 96  ? -3.678  -5.073  -2.834  1.00 40.20  ? 180  ILE A CA  1 
ATOM   753 C C   . ILE A 1 96  ? -2.750  -4.733  -1.694  1.00 38.90  ? 180  ILE A C   1 
ATOM   754 O O   . ILE A 1 96  ? -2.212  -5.631  -1.065  1.00 37.70  ? 180  ILE A O   1 
ATOM   755 C CB  . ILE A 1 96  ? -4.980  -5.714  -2.289  1.00 39.74  ? 180  ILE A CB  1 
ATOM   756 C CG1 . ILE A 1 96  ? -5.988  -5.945  -3.432  1.00 41.70  ? 180  ILE A CG1 1 
ATOM   757 C CG2 . ILE A 1 96  ? -5.603  -4.856  -1.181  1.00 38.08  ? 180  ILE A CG2 1 
ATOM   758 C CD1 . ILE A 1 96  ? -7.066  -6.974  -3.123  1.00 45.13  ? 180  ILE A CD1 1 
ATOM   759 N N   . CYS A 1 97  ? -2.559  -3.442  -1.443  1.00 38.14  ? 181  CYS A N   1 
ATOM   760 C CA  . CYS A 1 97  ? -1.814  -2.972  -0.292  1.00 40.75  ? 181  CYS A CA  1 
ATOM   761 C C   . CYS A 1 97  ? -2.753  -2.393  0.767   1.00 36.73  ? 181  CYS A C   1 
ATOM   762 O O   . CYS A 1 97  ? -3.500  -1.483  0.489   1.00 36.34  ? 181  CYS A O   1 
ATOM   763 C CB  . CYS A 1 97  ? -0.789  -1.928  -0.723  1.00 43.68  ? 181  CYS A CB  1 
ATOM   764 S SG  . CYS A 1 97  ? 0.171   -1.295  0.655   1.00 55.49  ? 181  CYS A SG  1 
ATOM   765 N N   . LEU A 1 98  ? -2.699  -2.951  1.966   1.00 36.45  ? 182  LEU A N   1 
ATOM   766 C CA  . LEU A 1 98  ? -3.342  -2.408  3.137   1.00 41.52  ? 182  LEU A CA  1 
ATOM   767 C C   . LEU A 1 98  ? -2.240  -1.855  4.044   1.00 42.41  ? 182  LEU A C   1 
ATOM   768 O O   . LEU A 1 98  ? -1.351  -2.584  4.440   1.00 45.29  ? 182  LEU A O   1 
ATOM   769 C CB  . LEU A 1 98  ? -4.115  -3.498  3.886   1.00 42.37  ? 182  LEU A CB  1 
ATOM   770 C CG  . LEU A 1 98  ? -5.043  -4.392  3.070   1.00 45.27  ? 182  LEU A CG  1 
ATOM   771 C CD1 . LEU A 1 98  ? -5.657  -5.423  4.006   1.00 45.34  ? 182  LEU A CD1 1 
ATOM   772 C CD2 . LEU A 1 98  ? -6.140  -3.608  2.334   1.00 44.81  ? 182  LEU A CD2 1 
ATOM   773 N N   . ALA A 1 99  ? -2.307  -0.574  4.370   1.00 41.35  ? 183  ALA A N   1 
ATOM   774 C CA  . ALA A 1 99  ? -1.352  0.051   5.300   1.00 41.25  ? 183  ALA A CA  1 
ATOM   775 C C   . ALA A 1 99  ? -2.115  0.948   6.244   1.00 39.82  ? 183  ALA A C   1 
ATOM   776 O O   . ALA A 1 99  ? -2.989  1.682   5.825   1.00 43.12  ? 183  ALA A O   1 
ATOM   777 C CB  . ALA A 1 99  ? -0.280  0.848   4.541   1.00 39.73  ? 183  ALA A CB  1 
ATOM   778 N N   . TRP A 1 100 ? -1.795  0.881   7.514   1.00 40.99  ? 184  TRP A N   1 
ATOM   779 C CA  . TRP A 1 100 ? -2.434  1.735   8.484   1.00 44.03  ? 184  TRP A CA  1 
ATOM   780 C C   . TRP A 1 100 ? -1.570  1.913   9.716   1.00 46.29  ? 184  TRP A C   1 
ATOM   781 O O   . TRP A 1 100 ? -0.613  1.175   9.951   1.00 49.86  ? 184  TRP A O   1 
ATOM   782 C CB  . TRP A 1 100 ? -3.798  1.175   8.848   1.00 43.84  ? 184  TRP A CB  1 
ATOM   783 C CG  . TRP A 1 100 ? -3.729  -0.060  9.637   1.00 48.99  ? 184  TRP A CG  1 
ATOM   784 C CD1 . TRP A 1 100 ? -3.781  -0.158  10.984  1.00 50.96  ? 184  TRP A CD1 1 
ATOM   785 C CD2 . TRP A 1 100 ? -3.601  -1.389  9.141   1.00 47.06  ? 184  TRP A CD2 1 
ATOM   786 N NE1 . TRP A 1 100 ? -3.687  -1.457  11.369  1.00 51.97  ? 184  TRP A NE1 1 
ATOM   787 C CE2 . TRP A 1 100 ? -3.579  -2.243  10.256  1.00 52.04  ? 184  TRP A CE2 1 
ATOM   788 C CE3 . TRP A 1 100 ? -3.514  -1.943  7.870   1.00 46.08  ? 184  TRP A CE3 1 
ATOM   789 C CZ2 . TRP A 1 100 ? -3.463  -3.636  10.137  1.00 53.00  ? 184  TRP A CZ2 1 
ATOM   790 C CZ3 . TRP A 1 100 ? -3.399  -3.326  7.746   1.00 49.48  ? 184  TRP A CZ3 1 
ATOM   791 C CH2 . TRP A 1 100 ? -3.376  -4.155  8.870   1.00 51.58  ? 184  TRP A CH2 1 
ATOM   792 N N   . ARG A 1 101 ? -1.907  2.916   10.495  1.00 48.78  ? 185  ARG A N   1 
ATOM   793 C CA  . ARG A 1 101 ? -1.067  3.348   11.573  1.00 51.07  ? 185  ARG A CA  1 
ATOM   794 C C   . ARG A 1 101 ? -1.791  3.118   12.874  1.00 52.87  ? 185  ARG A C   1 
ATOM   795 O O   . ARG A 1 101 ? -3.004  3.293   12.953  1.00 52.03  ? 185  ARG A O   1 
ATOM   796 C CB  . ARG A 1 101 ? -0.729  4.813   11.401  1.00 53.25  ? 185  ARG A CB  1 
ATOM   797 C CG  . ARG A 1 101 ? 0.483   5.225   12.222  1.00 63.42  ? 185  ARG A CG  1 
ATOM   798 C CD  . ARG A 1 101 ? 0.273   6.505   13.012  1.00 64.59  ? 185  ARG A CD  1 
ATOM   799 N NE  . ARG A 1 101 ? 1.022   7.604   12.418  1.00 67.53  ? 185  ARG A NE  1 
ATOM   800 C CZ  . ARG A 1 101 ? 0.596   8.860   12.294  1.00 69.61  ? 185  ARG A CZ  1 
ATOM   801 N NH1 . ARG A 1 101 ? -0.626  9.243   12.691  1.00 66.85  ? 185  ARG A NH1 1 
ATOM   802 N NH2 . ARG A 1 101 ? 1.416   9.749   11.743  1.00 71.47  ? 185  ARG A NH2 1 
ATOM   803 N N   . THR A 1 102 ? -1.037  2.718   13.888  1.00 65.22  ? 186  THR A N   1 
ATOM   804 C CA  . THR A 1 102 ? -1.583  2.425   15.215  1.00 81.80  ? 186  THR A CA  1 
ATOM   805 C C   . THR A 1 102 ? -0.829  3.267   16.268  1.00 84.59  ? 186  THR A C   1 
ATOM   806 O O   . THR A 1 102 ? 0.373   3.524   16.091  1.00 74.57  ? 186  THR A O   1 
ATOM   807 C CB  . THR A 1 102 ? -1.507  0.898   15.492  1.00 90.59  ? 186  THR A CB  1 
ATOM   808 O OG1 . THR A 1 102 ? -2.086  0.592   16.766  1.00 107.23 ? 186  THR A OG1 1 
ATOM   809 C CG2 . THR A 1 102 ? -0.055  0.360   15.429  1.00 87.05  ? 186  THR A CG2 1 
ATOM   810 N N   . PRO A 1 103 ? -1.525  3.712   17.353  1.00 98.09  ? 187  PRO A N   1 
ATOM   811 C CA  . PRO A 1 103 ? -0.845  4.548   18.374  1.00 94.00  ? 187  PRO A CA  1 
ATOM   812 C C   . PRO A 1 103 ? 0.289   3.825   19.103  1.00 87.36  ? 187  PRO A C   1 
ATOM   813 O O   . PRO A 1 103 ? 1.081   4.472   19.775  1.00 83.40  ? 187  PRO A O   1 
ATOM   814 C CB  . PRO A 1 103 ? -1.975  4.897   19.359  1.00 89.49  ? 187  PRO A CB  1 
ATOM   815 C CG  . PRO A 1 103 ? -2.979  3.810   19.188  1.00 90.29  ? 187  PRO A CG  1 
ATOM   816 C CD  . PRO A 1 103 ? -2.939  3.472   17.724  1.00 94.48  ? 187  PRO A CD  1 
HETATM 817 O O   . HOH B 2 .   ? -5.429  -4.328  -22.961 1.00 49.90  ? 2001 HOH A O   1 
HETATM 818 O O   . HOH B 2 .   ? 6.649   3.114   -19.314 1.00 77.37  ? 2002 HOH A O   1 
HETATM 819 O O   . HOH B 2 .   ? -8.668  3.048   4.511   1.00 50.50  ? 2003 HOH A O   1 
HETATM 820 O O   . HOH B 2 .   ? 11.317  4.618   -4.831  1.00 55.21  ? 2004 HOH A O   1 
HETATM 821 O O   . HOH B 2 .   ? 10.282  -11.001 0.662   1.00 65.80  ? 2005 HOH A O   1 
HETATM 822 O O   . HOH B 2 .   ? -11.661 -7.456  -0.544  1.00 47.18  ? 2006 HOH A O   1 
HETATM 823 O O   . HOH B 2 .   ? -10.784 5.059   10.770  0.50 39.94  ? 2007 HOH A O   1 
# 
